data_3TYF
#
_entry.id   3TYF
#
_cell.length_a   64.602
_cell.length_b   65.755
_cell.length_c   66.993
_cell.angle_alpha   103.89
_cell.angle_beta   106.32
_cell.angle_gamma   100.84
#
_symmetry.space_group_name_H-M   'P 1'
#
loop_
_entity.id
_entity.type
_entity.pdbx_description
1 polymer 'iNKT Cell Receptor Alpha Chain'
2 polymer 'iNKT Cell Receptor Beta Chain'
3 non-polymer GLYCEROL
4 water water
#
loop_
_entity_poly.entity_id
_entity_poly.type
_entity_poly.pdbx_seq_one_letter_code
_entity_poly.pdbx_strand_id
1 'polypeptide(L)'
;MGKNQVEQSPQSLIILEGKNCTLQCNYTVSPFSNLRWYKQDTGRGPVSLTIMTFSENTKSNGRYTATLDADTKQSSLHIT
ASQLSDSASYICVVSDRGSTLGRLYFGRGTQLTVWPDIQNPDPAVYQLRDSKSSDKSVCLFTDFDSQTNVSQSKDSDVYI
TDKCVLDMRSMDFKSNSAVAWSNKSDFACANAFNNSIIPEDTFFPSPESSALE
;
A,C
2 'polypeptide(L)'
;MSEADIYQTPRYLVIGTGKKITLECSQTMGHDKMYWYQQDPGMELHLIHYSYGVNSTEKGDLSSESTVSRIRTEHFPLTL
ESARPSHTSQYLCASSEEGALKESVGTQYFGPGTRLLVLEDLKNVFPPEVAVFEPSEAEISHTQKATLVCLATGFYPDHV
ELSWWVNGKEVHSGVCTDPQPLKEQPALNDSRYALSSRLRVSATFWQNPRNHFRCQVQFYGLSENDEWTQDRAKPVTQIV
SAEAWGRADSVDKLAAALE
;
B,D
#
# COMPACT_ATOMS: atom_id res chain seq x y z
N ASN A 4 -20.69 -12.03 -7.79
CA ASN A 4 -21.07 -11.91 -6.39
C ASN A 4 -22.37 -11.09 -6.23
N GLN A 5 -23.17 -11.47 -5.25
CA GLN A 5 -24.44 -10.78 -5.00
C GLN A 5 -24.33 -9.71 -3.93
N VAL A 6 -23.15 -9.56 -3.35
CA VAL A 6 -22.90 -8.48 -2.41
C VAL A 6 -21.62 -7.70 -2.78
N GLU A 7 -21.78 -6.40 -2.97
CA GLU A 7 -20.73 -5.53 -3.50
C GLU A 7 -20.39 -4.43 -2.52
N GLN A 8 -19.10 -4.17 -2.32
CA GLN A 8 -18.69 -3.11 -1.40
C GLN A 8 -17.84 -2.03 -2.06
N SER A 9 -17.99 -0.80 -1.59
CA SER A 9 -17.23 0.34 -2.10
C SER A 9 -16.82 1.24 -0.94
N PRO A 10 -15.58 1.76 -0.98
CA PRO A 10 -14.53 1.44 -1.96
C PRO A 10 -13.86 0.11 -1.63
N GLN A 11 -12.80 -0.23 -2.36
CA GLN A 11 -12.05 -1.45 -2.07
C GLN A 11 -11.22 -1.26 -0.81
N SER A 12 -10.58 -0.10 -0.71
CA SER A 12 -9.88 0.28 0.51
C SER A 12 -9.70 1.78 0.56
N LEU A 13 -9.44 2.31 1.75
CA LEU A 13 -9.12 3.72 1.90
C LEU A 13 -8.28 3.98 3.15
N ILE A 14 -7.57 5.11 3.15
CA ILE A 14 -6.72 5.47 4.27
C ILE A 14 -7.08 6.87 4.76
N ILE A 15 -7.42 6.98 6.04
CA ILE A 15 -7.77 8.27 6.63
C ILE A 15 -6.94 8.53 7.90
N LEU A 16 -6.79 9.81 8.24
CA LEU A 16 -6.14 10.18 9.48
C LEU A 16 -7.13 10.08 10.65
N GLU A 17 -6.60 9.84 11.85
CA GLU A 17 -7.46 9.75 13.03
C GLU A 17 -8.21 11.05 13.27
N GLY A 18 -9.47 10.93 13.68
CA GLY A 18 -10.28 12.07 13.99
C GLY A 18 -11.22 12.46 12.86
N LYS A 19 -11.07 11.81 11.72
CA LYS A 19 -11.88 12.18 10.57
C LYS A 19 -12.98 11.15 10.30
N ASN A 20 -13.89 11.47 9.39
CA ASN A 20 -15.07 10.64 9.17
C ASN A 20 -14.97 9.95 7.81
N CYS A 21 -15.59 8.79 7.68
CA CYS A 21 -15.65 8.11 6.40
C CYS A 21 -16.96 7.35 6.23
N THR A 22 -17.32 7.07 4.99
CA THR A 22 -18.54 6.35 4.69
C THR A 22 -18.25 5.17 3.78
N LEU A 23 -18.79 4.00 4.13
CA LEU A 23 -18.59 2.80 3.33
C LEU A 23 -19.89 2.40 2.64
N GLN A 24 -19.78 1.88 1.42
CA GLN A 24 -20.94 1.57 0.60
C GLN A 24 -21.18 0.08 0.42
N CYS A 25 -22.45 -0.30 0.33
CA CYS A 25 -22.82 -1.69 0.08
C CYS A 25 -24.02 -1.77 -0.87
N ASN A 26 -23.91 -2.62 -1.89
CA ASN A 26 -24.99 -2.83 -2.84
C ASN A 26 -25.20 -4.33 -3.07
N TYR A 27 -26.45 -4.76 -3.14
CA TYR A 27 -26.74 -6.19 -3.25
C TYR A 27 -27.84 -6.52 -4.25
N THR A 28 -27.65 -7.64 -4.96
CA THR A 28 -28.68 -8.19 -5.84
C THR A 28 -29.47 -9.33 -5.19
N VAL A 29 -29.15 -9.63 -3.93
CA VAL A 29 -29.76 -10.76 -3.23
C VAL A 29 -31.29 -10.68 -3.15
N SER A 30 -31.96 -11.72 -3.63
CA SER A 30 -33.42 -11.78 -3.56
C SER A 30 -33.90 -13.18 -3.19
N PRO A 31 -34.94 -13.28 -2.37
CA PRO A 31 -35.61 -12.16 -1.68
C PRO A 31 -34.80 -11.65 -0.50
N PHE A 32 -34.87 -10.35 -0.24
CA PHE A 32 -34.11 -9.74 0.86
C PHE A 32 -34.70 -10.06 2.22
N SER A 33 -33.86 -10.09 3.24
CA SER A 33 -34.30 -10.33 4.61
C SER A 33 -33.74 -9.28 5.58
N ASN A 34 -32.41 -9.28 5.73
CA ASN A 34 -31.74 -8.31 6.61
C ASN A 34 -30.31 -7.97 6.17
N LEU A 35 -29.76 -6.90 6.74
CA LEU A 35 -28.43 -6.40 6.36
C LEU A 35 -27.60 -6.13 7.61
N ARG A 36 -26.35 -6.61 7.63
CA ARG A 36 -25.47 -6.40 8.77
C ARG A 36 -24.05 -6.01 8.35
N TRP A 37 -23.38 -5.28 9.22
CA TRP A 37 -22.00 -4.90 8.99
C TRP A 37 -21.08 -5.55 10.03
N TYR A 38 -20.04 -6.22 9.55
CA TYR A 38 -19.06 -6.82 10.45
C TYR A 38 -17.76 -6.03 10.44
N LYS A 39 -17.09 -6.01 11.58
CA LYS A 39 -15.74 -5.46 11.66
C LYS A 39 -14.76 -6.58 12.01
N GLN A 40 -13.87 -6.89 11.09
CA GLN A 40 -12.87 -7.92 11.33
C GLN A 40 -11.47 -7.33 11.40
N ASP A 41 -10.89 -7.32 12.60
CA ASP A 41 -9.51 -6.90 12.79
C ASP A 41 -8.59 -7.93 12.14
N THR A 42 -7.38 -7.52 11.79
CA THR A 42 -6.44 -8.40 11.12
C THR A 42 -6.16 -9.65 11.96
N GLY A 43 -6.36 -10.81 11.34
CA GLY A 43 -6.07 -12.09 11.98
C GLY A 43 -7.12 -12.57 12.96
N ARG A 44 -8.05 -11.69 13.33
CA ARG A 44 -9.07 -12.04 14.31
C ARG A 44 -10.41 -12.36 13.66
N GLY A 45 -11.40 -12.69 14.49
CA GLY A 45 -12.73 -13.04 14.00
C GLY A 45 -13.65 -11.85 13.87
N PRO A 46 -14.64 -11.96 12.97
CA PRO A 46 -15.60 -10.88 12.70
C PRO A 46 -16.42 -10.52 13.93
N VAL A 47 -16.73 -9.24 14.08
CA VAL A 47 -17.58 -8.78 15.16
C VAL A 47 -18.82 -8.07 14.62
N SER A 48 -20.00 -8.55 15.03
CA SER A 48 -21.25 -7.94 14.61
C SER A 48 -21.34 -6.50 15.10
N LEU A 49 -21.63 -5.59 14.18
CA LEU A 49 -21.79 -4.17 14.52
C LEU A 49 -23.26 -3.80 14.57
N THR A 50 -23.94 -3.93 13.43
CA THR A 50 -25.34 -3.55 13.33
C THR A 50 -26.12 -4.55 12.50
N ILE A 51 -27.39 -4.75 12.85
CA ILE A 51 -28.30 -5.55 12.04
C ILE A 51 -29.52 -4.73 11.66
N MET A 52 -29.97 -4.86 10.42
CA MET A 52 -31.07 -4.05 9.91
C MET A 52 -32.01 -4.86 9.03
N THR A 53 -33.27 -4.42 9.00
CA THR A 53 -34.29 -5.02 8.15
C THR A 53 -34.96 -3.92 7.34
N PHE A 54 -35.75 -4.31 6.35
CA PHE A 54 -36.43 -3.34 5.49
C PHE A 54 -37.23 -2.30 6.29
N SER A 55 -37.69 -2.69 7.48
CA SER A 55 -38.51 -1.80 8.30
C SER A 55 -37.69 -0.68 8.95
N GLU A 56 -36.48 -1.01 9.38
CA GLU A 56 -35.60 -0.02 9.99
C GLU A 56 -34.54 0.48 9.01
N ASN A 57 -34.59 1.76 8.69
CA ASN A 57 -33.67 2.35 7.73
C ASN A 57 -32.35 2.80 8.36
N THR A 58 -32.27 2.73 9.68
CA THR A 58 -31.06 3.17 10.39
C THR A 58 -30.80 2.42 11.70
N LYS A 59 -29.52 2.29 12.04
CA LYS A 59 -29.09 1.70 13.30
C LYS A 59 -27.82 2.39 13.78
N SER A 60 -27.65 2.46 15.09
CA SER A 60 -26.46 3.09 15.67
C SER A 60 -25.78 2.23 16.72
N ASN A 61 -24.49 1.99 16.51
CA ASN A 61 -23.64 1.35 17.50
C ASN A 61 -22.42 2.24 17.72
N GLY A 62 -22.33 2.85 18.89
CA GLY A 62 -21.22 3.74 19.18
C GLY A 62 -21.03 4.83 18.13
N ARG A 63 -19.81 4.93 17.62
CA ARG A 63 -19.47 5.95 16.62
C ARG A 63 -19.80 5.47 15.21
N TYR A 64 -20.35 4.27 15.12
CA TYR A 64 -20.78 3.72 13.83
C TYR A 64 -22.28 3.95 13.63
N THR A 65 -22.65 4.37 12.43
CA THR A 65 -24.05 4.53 12.09
C THR A 65 -24.33 3.92 10.72
N ALA A 66 -25.29 3.00 10.68
CA ALA A 66 -25.61 2.28 9.45
C ALA A 66 -26.93 2.75 8.85
N THR A 67 -27.02 2.69 7.52
CA THR A 67 -28.22 3.09 6.82
C THR A 67 -28.65 2.01 5.84
N LEU A 68 -29.95 1.84 5.67
CA LEU A 68 -30.46 0.85 4.73
C LEU A 68 -31.56 1.41 3.83
N ASP A 69 -31.30 1.42 2.54
CA ASP A 69 -32.34 1.73 1.57
C ASP A 69 -32.68 0.43 0.84
N ALA A 70 -33.84 -0.12 1.15
CA ALA A 70 -34.24 -1.42 0.61
C ALA A 70 -34.73 -1.28 -0.83
N ASP A 71 -35.20 -0.08 -1.16
CA ASP A 71 -35.70 0.20 -2.50
C ASP A 71 -34.57 0.10 -3.52
N THR A 72 -33.49 0.84 -3.28
CA THR A 72 -32.34 0.85 -4.18
C THR A 72 -31.36 -0.27 -3.83
N LYS A 73 -31.68 -1.03 -2.79
CA LYS A 73 -30.84 -2.14 -2.35
C LYS A 73 -29.42 -1.69 -2.05
N GLN A 74 -29.30 -0.72 -1.14
CA GLN A 74 -28.01 -0.12 -0.81
C GLN A 74 -27.91 0.19 0.67
N SER A 75 -26.71 0.05 1.23
CA SER A 75 -26.48 0.35 2.64
C SER A 75 -25.17 1.10 2.84
N SER A 76 -25.13 1.95 3.85
CA SER A 76 -23.92 2.71 4.15
C SER A 76 -23.54 2.61 5.62
N LEU A 77 -22.24 2.52 5.87
CA LEU A 77 -21.72 2.57 7.22
C LEU A 77 -20.88 3.83 7.40
N HIS A 78 -21.22 4.63 8.38
CA HIS A 78 -20.52 5.89 8.60
C HIS A 78 -19.75 5.85 9.92
N ILE A 79 -18.43 5.99 9.82
CA ILE A 79 -17.58 6.07 11.01
C ILE A 79 -17.35 7.54 11.39
N THR A 80 -17.55 7.83 12.68
CA THR A 80 -17.36 9.19 13.18
C THR A 80 -16.11 9.24 14.06
N ALA A 81 -15.35 10.33 13.95
CA ALA A 81 -14.14 10.51 14.73
C ALA A 81 -13.30 9.24 14.78
N SER A 82 -12.75 8.85 13.64
CA SER A 82 -12.03 7.59 13.51
C SER A 82 -10.85 7.45 14.49
N GLN A 83 -10.59 6.21 14.91
CA GLN A 83 -9.47 5.91 15.79
C GLN A 83 -8.60 4.83 15.16
N LEU A 84 -7.36 4.72 15.63
CA LEU A 84 -6.45 3.71 15.13
C LEU A 84 -7.07 2.32 15.20
N SER A 85 -7.82 2.07 16.26
CA SER A 85 -8.45 0.76 16.46
C SER A 85 -9.51 0.48 15.39
N ASP A 86 -9.87 1.50 14.62
CA ASP A 86 -10.85 1.34 13.55
C ASP A 86 -10.27 0.65 12.33
N SER A 87 -8.94 0.59 12.25
CA SER A 87 -8.31 -0.07 11.12
C SER A 87 -8.73 -1.53 11.09
N ALA A 88 -9.33 -1.94 9.98
CA ALA A 88 -9.86 -3.28 9.85
C ALA A 88 -10.61 -3.44 8.54
N SER A 89 -10.99 -4.67 8.23
CA SER A 89 -11.86 -4.93 7.08
C SER A 89 -13.30 -4.80 7.51
N TYR A 90 -14.12 -4.18 6.67
CA TYR A 90 -15.53 -4.01 6.97
C TYR A 90 -16.40 -4.80 6.02
N ILE A 91 -17.10 -5.79 6.57
CA ILE A 91 -17.85 -6.74 5.76
C ILE A 91 -19.34 -6.46 5.79
N CYS A 92 -19.92 -6.34 4.61
CA CYS A 92 -21.37 -6.19 4.47
C CYS A 92 -21.98 -7.56 4.27
N VAL A 93 -22.85 -7.96 5.17
CA VAL A 93 -23.48 -9.28 5.09
C VAL A 93 -24.97 -9.18 4.83
N VAL A 94 -25.44 -9.87 3.80
CA VAL A 94 -26.84 -9.81 3.40
C VAL A 94 -27.54 -11.15 3.63
N SER A 95 -28.70 -11.08 4.28
CA SER A 95 -29.45 -12.28 4.61
C SER A 95 -30.68 -12.42 3.74
N ASP A 96 -31.09 -13.66 3.52
CA ASP A 96 -32.07 -13.99 2.50
C ASP A 96 -33.09 -14.98 3.08
N ARG A 97 -34.34 -14.92 2.61
CA ARG A 97 -35.40 -15.76 3.15
C ARG A 97 -35.29 -17.22 2.71
N GLY A 98 -35.80 -18.12 3.53
CA GLY A 98 -35.47 -19.51 3.36
C GLY A 98 -36.56 -20.48 3.70
N SER A 99 -36.33 -21.67 3.15
CA SER A 99 -37.28 -22.78 3.11
C SER A 99 -37.30 -23.43 4.46
N THR A 100 -36.12 -23.70 5.00
CA THR A 100 -36.03 -24.08 6.40
C THR A 100 -35.54 -22.88 7.19
N LEU A 101 -34.23 -22.64 7.19
CA LEU A 101 -33.71 -21.41 7.79
C LEU A 101 -32.51 -20.77 7.08
N GLY A 102 -32.72 -19.58 6.53
CA GLY A 102 -31.64 -18.62 6.32
C GLY A 102 -30.60 -18.90 5.25
N ARG A 103 -29.94 -17.84 4.81
CA ARG A 103 -28.66 -17.93 4.12
C ARG A 103 -27.89 -16.62 4.28
N LEU A 104 -26.56 -16.70 4.35
CA LEU A 104 -25.76 -15.48 4.46
C LEU A 104 -24.84 -15.31 3.27
N TYR A 105 -24.83 -14.09 2.73
CA TYR A 105 -23.94 -13.74 1.64
C TYR A 105 -22.93 -12.72 2.12
N PHE A 106 -21.66 -13.13 2.20
CA PHE A 106 -20.60 -12.24 2.61
C PHE A 106 -19.96 -11.59 1.39
N GLY A 107 -19.85 -10.26 1.43
CA GLY A 107 -19.17 -9.55 0.36
C GLY A 107 -17.70 -9.42 0.72
N ARG A 108 -16.88 -9.04 -0.26
CA ARG A 108 -15.49 -8.72 0.01
C ARG A 108 -15.47 -7.43 0.83
N GLY A 109 -14.72 -7.42 1.92
CA GLY A 109 -14.73 -6.28 2.81
C GLY A 109 -14.04 -5.05 2.25
N THR A 110 -14.38 -3.89 2.80
CA THR A 110 -13.67 -2.66 2.50
C THR A 110 -12.53 -2.49 3.51
N GLN A 111 -11.31 -2.39 3.01
CA GLN A 111 -10.17 -2.22 3.90
C GLN A 111 -10.03 -0.77 4.34
N LEU A 112 -10.10 -0.54 5.65
CA LEU A 112 -9.92 0.78 6.22
C LEU A 112 -8.63 0.82 7.03
N THR A 113 -7.82 1.85 6.79
CA THR A 113 -6.60 2.03 7.56
C THR A 113 -6.58 3.42 8.17
N VAL A 114 -6.47 3.49 9.49
CA VAL A 114 -6.41 4.77 10.17
C VAL A 114 -4.99 5.08 10.60
N TRP A 115 -4.53 6.29 10.30
CA TRP A 115 -3.16 6.68 10.62
C TRP A 115 -3.23 7.72 11.70
N PRO A 116 -2.19 7.78 12.54
CA PRO A 116 -2.15 8.83 13.56
C PRO A 116 -1.99 10.18 12.89
N ASP A 117 -2.58 11.22 13.46
CA ASP A 117 -2.34 12.55 12.93
C ASP A 117 -1.18 13.12 13.74
N ILE A 118 -0.03 13.24 13.10
CA ILE A 118 1.16 13.69 13.81
C ILE A 118 1.35 15.19 13.63
N GLN A 119 1.10 15.92 14.71
CA GLN A 119 1.19 17.37 14.71
C GLN A 119 2.63 17.84 14.67
N ASN A 120 3.44 17.33 15.60
CA ASN A 120 4.86 17.61 15.60
C ASN A 120 5.67 16.37 15.29
N PRO A 121 6.17 16.26 14.05
CA PRO A 121 7.10 15.18 13.71
C PRO A 121 8.46 15.45 14.35
N ASP A 122 9.12 14.41 14.83
CA ASP A 122 10.48 14.56 15.32
C ASP A 122 11.33 13.41 14.79
N PRO A 123 11.39 13.26 13.46
CA PRO A 123 12.04 12.09 12.86
C PRO A 123 13.49 11.93 13.30
N ALA A 124 13.85 10.69 13.66
CA ALA A 124 15.21 10.39 14.10
C ALA A 124 15.58 8.93 13.85
N VAL A 125 16.87 8.66 13.84
CA VAL A 125 17.37 7.30 13.69
C VAL A 125 18.37 7.00 14.81
N TYR A 126 18.02 6.04 15.65
CA TYR A 126 18.84 5.68 16.80
C TYR A 126 19.38 4.27 16.65
N GLN A 127 20.48 3.98 17.32
CA GLN A 127 21.03 2.63 17.36
C GLN A 127 20.84 2.05 18.76
N LEU A 128 20.13 0.93 18.84
CA LEU A 128 19.86 0.29 20.13
C LEU A 128 21.03 -0.59 20.57
N ARG A 129 21.41 -0.44 21.83
CA ARG A 129 22.57 -1.16 22.36
C ARG A 129 22.47 -2.65 22.07
N ASP A 130 23.54 -3.21 21.52
CA ASP A 130 23.55 -4.60 21.10
C ASP A 130 23.29 -5.54 22.28
N SER A 131 22.40 -6.49 22.08
CA SER A 131 22.04 -7.45 23.13
C SER A 131 23.26 -8.22 23.63
N LYS A 132 24.22 -8.44 22.73
CA LYS A 132 25.41 -9.23 23.03
C LYS A 132 25.04 -10.70 23.15
N SER A 133 23.74 -10.97 23.17
CA SER A 133 23.22 -12.34 23.18
C SER A 133 22.57 -12.65 21.82
N LYS A 136 23.60 -9.80 15.89
CA LYS A 136 22.89 -8.78 15.12
C LYS A 136 22.52 -7.58 15.97
N SER A 137 22.62 -6.39 15.38
CA SER A 137 22.29 -5.15 16.08
C SER A 137 21.13 -4.42 15.42
N VAL A 138 20.39 -3.66 16.22
CA VAL A 138 19.16 -3.02 15.74
C VAL A 138 19.26 -1.50 15.58
N CYS A 139 18.64 -0.98 14.52
CA CYS A 139 18.52 0.46 14.31
C CYS A 139 17.05 0.84 14.37
N LEU A 140 16.78 2.04 14.87
CA LEU A 140 15.41 2.50 15.05
C LEU A 140 15.14 3.84 14.37
N PHE A 141 14.27 3.80 13.38
CA PHE A 141 13.80 5.00 12.70
C PHE A 141 12.42 5.30 13.27
N THR A 142 12.30 6.43 13.97
CA THR A 142 11.06 6.72 14.67
C THR A 142 10.70 8.20 14.68
N ASP A 143 9.44 8.49 14.99
CA ASP A 143 8.96 9.86 15.15
C ASP A 143 8.69 10.57 13.82
N PHE A 144 8.94 9.86 12.72
CA PHE A 144 8.55 10.35 11.40
C PHE A 144 7.03 10.38 11.27
N ASP A 145 6.52 11.22 10.38
CA ASP A 145 5.07 11.32 10.18
C ASP A 145 4.54 10.16 9.35
N SER A 146 3.23 10.13 9.16
CA SER A 146 2.56 8.98 8.56
C SER A 146 2.81 8.85 7.06
N GLN A 147 2.84 9.97 6.36
CA GLN A 147 3.03 9.98 4.91
C GLN A 147 4.28 9.20 4.51
N THR A 148 5.26 9.13 5.41
CA THR A 148 6.50 8.44 5.13
C THR A 148 6.28 6.98 4.80
N ASN A 149 6.82 6.53 3.68
CA ASN A 149 6.70 5.13 3.28
C ASN A 149 7.95 4.32 3.61
N VAL A 150 7.79 3.39 4.54
CA VAL A 150 8.87 2.49 4.90
C VAL A 150 8.37 1.06 4.75
N SER A 151 9.11 0.25 3.99
CA SER A 151 8.70 -1.12 3.73
C SER A 151 9.83 -2.10 4.05
N GLN A 152 9.63 -3.37 3.73
CA GLN A 152 10.63 -4.39 3.99
C GLN A 152 11.69 -4.44 2.90
N SER A 153 12.94 -4.72 3.28
CA SER A 153 14.04 -4.74 2.31
C SER A 153 15.03 -5.88 2.60
N LYS A 154 15.37 -6.63 1.56
CA LYS A 154 16.25 -7.79 1.68
C LYS A 154 17.73 -7.52 1.30
N ASP A 155 18.06 -6.28 0.97
CA ASP A 155 19.43 -5.95 0.58
C ASP A 155 20.29 -5.56 1.77
N SER A 156 21.29 -6.37 2.10
CA SER A 156 21.50 -7.68 1.49
C SER A 156 21.26 -8.75 2.56
N ASP A 157 22.08 -8.71 3.60
CA ASP A 157 21.80 -9.45 4.83
C ASP A 157 21.10 -8.49 5.79
N VAL A 158 20.84 -7.28 5.31
CA VAL A 158 20.14 -6.24 6.06
C VAL A 158 18.63 -6.35 5.92
N TYR A 159 17.92 -6.20 7.02
CA TYR A 159 16.47 -6.24 7.02
C TYR A 159 15.85 -4.92 7.47
N ILE A 160 14.69 -4.59 6.91
CA ILE A 160 13.92 -3.42 7.34
C ILE A 160 12.46 -3.80 7.46
N THR A 161 11.77 -3.28 8.47
CA THR A 161 10.37 -3.64 8.66
C THR A 161 9.44 -2.51 8.20
N ASP A 162 8.14 -2.79 8.21
CA ASP A 162 7.15 -1.81 7.81
C ASP A 162 6.89 -0.88 8.98
N LYS A 163 6.46 0.35 8.69
CA LYS A 163 6.18 1.30 9.76
C LYS A 163 5.01 0.79 10.61
N CYS A 164 5.04 1.14 11.90
CA CYS A 164 4.00 0.69 12.81
C CYS A 164 3.65 1.82 13.78
N VAL A 165 2.37 2.01 14.05
CA VAL A 165 1.93 3.05 14.96
C VAL A 165 1.91 2.58 16.41
N LEU A 166 2.37 3.45 17.31
CA LEU A 166 2.51 3.13 18.72
C LEU A 166 1.80 4.20 19.53
N ASP A 167 0.95 3.78 20.48
CA ASP A 167 0.15 4.72 21.23
C ASP A 167 0.42 4.64 22.73
N MET A 168 1.00 5.70 23.29
CA MET A 168 1.19 5.79 24.72
C MET A 168 -0.01 6.53 25.29
N ARG A 169 -0.88 5.81 26.00
CA ARG A 169 -2.20 6.32 26.33
C ARG A 169 -2.21 7.34 27.47
N SER A 170 -1.32 7.17 28.43
CA SER A 170 -1.22 8.10 29.54
C SER A 170 -0.72 9.48 29.11
N MET A 171 0.20 9.51 28.14
CA MET A 171 0.74 10.77 27.63
C MET A 171 -0.03 11.26 26.42
N ASP A 172 -1.08 10.53 26.04
CA ASP A 172 -1.86 10.88 24.85
C ASP A 172 -0.92 11.10 23.66
N PHE A 173 0.07 10.23 23.55
CA PHE A 173 1.10 10.38 22.53
C PHE A 173 1.06 9.23 21.54
N LYS A 174 1.28 9.54 20.27
CA LYS A 174 1.36 8.52 19.24
C LYS A 174 2.55 8.75 18.33
N SER A 175 3.24 7.66 17.95
CA SER A 175 4.42 7.77 17.10
C SER A 175 4.53 6.60 16.14
N ASN A 176 5.16 6.85 15.01
CA ASN A 176 5.43 5.80 14.03
C ASN A 176 6.87 5.37 14.20
N SER A 177 7.13 4.08 13.96
CA SER A 177 8.49 3.58 14.03
C SER A 177 8.73 2.51 12.98
N ALA A 178 10.00 2.24 12.72
CA ALA A 178 10.40 1.16 11.83
C ALA A 178 11.75 0.66 12.30
N VAL A 179 12.00 -0.62 12.12
CA VAL A 179 13.23 -1.23 12.62
C VAL A 179 14.06 -1.83 11.50
N ALA A 180 15.38 -1.76 11.65
CA ALA A 180 16.30 -2.33 10.69
C ALA A 180 17.44 -3.01 11.44
N TRP A 181 17.87 -4.17 10.95
CA TRP A 181 18.94 -4.90 11.62
C TRP A 181 19.77 -5.74 10.66
N SER A 182 21.01 -6.01 11.05
CA SER A 182 21.89 -6.88 10.27
C SER A 182 22.97 -7.50 11.16
N ASN A 183 23.50 -8.63 10.72
CA ASN A 183 24.62 -9.28 11.41
C ASN A 183 25.97 -8.68 11.03
N LYS A 184 26.12 -8.28 9.77
CA LYS A 184 27.39 -7.81 9.23
C LYS A 184 28.05 -6.73 10.09
N ASP A 186 29.91 -4.38 8.96
CA ASP A 186 29.78 -3.25 8.05
C ASP A 186 28.53 -2.42 8.35
N PHE A 187 27.54 -3.04 8.97
CA PHE A 187 26.24 -2.42 9.18
C PHE A 187 26.31 -1.20 10.10
N ALA A 188 25.78 -0.08 9.62
CA ALA A 188 25.65 1.13 10.42
C ALA A 188 24.26 1.70 10.21
N CYS A 189 23.79 2.49 11.18
CA CYS A 189 22.42 3.00 11.14
C CYS A 189 22.13 3.96 9.98
N ALA A 190 23.13 4.73 9.58
CA ALA A 190 22.97 5.63 8.44
C ALA A 190 22.89 4.83 7.14
N ASN A 191 23.38 3.59 7.19
CA ASN A 191 23.31 2.68 6.05
C ASN A 191 21.92 2.07 5.92
N ALA A 192 21.35 1.64 7.03
CA ALA A 192 20.04 0.99 7.03
C ALA A 192 18.99 1.91 6.43
N PHE A 193 18.89 3.13 6.95
CA PHE A 193 17.99 4.11 6.38
C PHE A 193 18.81 5.14 5.61
N ASN A 194 18.72 5.07 4.29
CA ASN A 194 19.39 6.02 3.42
C ASN A 194 18.49 7.23 3.21
N ASN A 195 18.86 8.12 2.30
CA ASN A 195 18.09 9.33 2.07
C ASN A 195 16.69 9.07 1.50
N SER A 196 16.48 7.89 0.93
CA SER A 196 15.15 7.49 0.51
C SER A 196 14.71 6.20 1.20
N ILE A 197 13.73 6.30 2.09
CA ILE A 197 13.08 7.58 2.35
C ILE A 197 13.22 8.05 3.79
N ILE A 198 13.97 9.14 3.97
CA ILE A 198 14.00 9.89 5.21
C ILE A 198 14.10 11.37 4.85
N PRO A 199 13.45 12.24 5.63
CA PRO A 199 13.44 13.67 5.28
C PRO A 199 14.83 14.28 5.34
N GLU A 200 14.94 15.55 4.97
CA GLU A 200 16.23 16.23 4.97
C GLU A 200 16.63 16.60 6.39
N ASP A 201 15.63 16.80 7.24
CA ASP A 201 15.90 16.99 8.65
C ASP A 201 15.58 15.68 9.37
N THR A 202 16.65 14.97 9.76
CA THR A 202 16.51 13.74 10.50
C THR A 202 17.68 13.67 11.48
N PHE A 203 17.39 13.33 12.73
CA PHE A 203 18.41 13.38 13.76
C PHE A 203 19.32 12.16 13.70
N PHE A 204 20.61 12.41 13.48
CA PHE A 204 21.62 11.37 13.54
C PHE A 204 22.71 11.80 14.54
N PRO A 205 23.19 10.84 15.35
CA PRO A 205 24.28 11.10 16.28
C PRO A 205 25.51 10.26 15.95
N ASP B 5 -18.99 -16.45 26.85
CA ASP B 5 -18.34 -16.06 25.60
C ASP B 5 -18.30 -17.24 24.64
N ILE B 6 -17.42 -17.17 23.65
CA ILE B 6 -17.25 -18.26 22.69
C ILE B 6 -15.76 -18.61 22.54
N TYR B 7 -15.43 -19.89 22.69
CA TYR B 7 -14.04 -20.30 22.80
C TYR B 7 -13.61 -21.29 21.71
N GLN B 8 -12.33 -21.24 21.36
CA GLN B 8 -11.76 -22.12 20.34
C GLN B 8 -10.34 -22.55 20.70
N THR B 9 -10.03 -23.83 20.49
CA THR B 9 -8.67 -24.33 20.64
C THR B 9 -8.37 -25.44 19.63
N PRO B 10 -7.12 -25.52 19.16
CA PRO B 10 -6.02 -24.56 19.41
C PRO B 10 -6.09 -23.32 18.51
N ARG B 11 -5.44 -22.24 18.92
CA ARG B 11 -5.34 -21.04 18.09
C ARG B 11 -4.52 -21.31 16.83
N TYR B 12 -3.37 -21.96 17.02
CA TYR B 12 -2.51 -22.33 15.91
C TYR B 12 -2.26 -23.83 15.95
N LEU B 13 -2.32 -24.47 14.80
CA LEU B 13 -2.01 -25.90 14.71
C LEU B 13 -1.22 -26.18 13.45
N VAL B 14 -0.07 -26.82 13.60
CA VAL B 14 0.71 -27.29 12.46
C VAL B 14 0.82 -28.81 12.57
N ILE B 15 0.50 -29.51 11.49
CA ILE B 15 0.44 -30.97 11.53
C ILE B 15 0.78 -31.60 10.20
N GLY B 16 1.22 -32.85 10.24
CA GLY B 16 1.61 -33.58 9.04
C GLY B 16 0.43 -34.25 8.35
N THR B 17 0.65 -34.63 7.10
CA THR B 17 -0.40 -35.24 6.29
C THR B 17 -0.80 -36.62 6.81
N GLY B 18 -2.10 -36.90 6.77
CA GLY B 18 -2.61 -38.20 7.15
C GLY B 18 -3.13 -38.27 8.58
N LYS B 19 -2.69 -37.32 9.40
CA LYS B 19 -3.10 -37.29 10.81
C LYS B 19 -4.51 -36.75 10.98
N LYS B 20 -5.14 -37.11 12.09
CA LYS B 20 -6.50 -36.68 12.39
C LYS B 20 -6.50 -35.40 13.21
N ILE B 21 -7.36 -34.47 12.83
CA ILE B 21 -7.46 -33.20 13.54
C ILE B 21 -8.85 -33.02 14.17
N THR B 22 -8.87 -32.41 15.36
CA THR B 22 -10.11 -32.03 15.99
C THR B 22 -10.00 -30.59 16.48
N LEU B 23 -10.97 -29.77 16.10
CA LEU B 23 -10.98 -28.37 16.51
C LEU B 23 -12.12 -28.11 17.50
N GLU B 24 -11.81 -27.39 18.57
CA GLU B 24 -12.78 -27.18 19.65
C GLU B 24 -13.52 -25.85 19.53
N CYS B 25 -14.84 -25.92 19.68
CA CYS B 25 -15.65 -24.71 19.77
C CYS B 25 -16.66 -24.87 20.92
N SER B 26 -16.63 -23.92 21.85
CA SER B 26 -17.50 -23.99 23.02
C SER B 26 -18.09 -22.62 23.38
N GLN B 27 -19.34 -22.63 23.84
CA GLN B 27 -20.02 -21.40 24.24
C GLN B 27 -20.84 -21.62 25.51
N THR B 28 -20.77 -20.66 26.43
CA THR B 28 -21.56 -20.71 27.66
C THR B 28 -22.85 -19.90 27.51
N MET B 29 -23.02 -19.29 26.34
CA MET B 29 -24.15 -18.39 26.10
C MET B 29 -25.47 -19.12 25.87
N GLY B 30 -25.39 -20.44 25.75
CA GLY B 30 -26.58 -21.26 25.55
C GLY B 30 -27.29 -20.97 24.24
N HIS B 31 -26.52 -20.73 23.18
CA HIS B 31 -27.09 -20.51 21.86
C HIS B 31 -27.35 -21.84 21.18
N ASP B 32 -28.50 -21.96 20.53
CA ASP B 32 -28.87 -23.20 19.86
C ASP B 32 -28.18 -23.36 18.51
N LYS B 33 -28.10 -22.27 17.75
CA LYS B 33 -27.48 -22.30 16.44
C LYS B 33 -25.97 -22.03 16.47
N MET B 34 -25.20 -22.88 15.81
CA MET B 34 -23.75 -22.72 15.73
C MET B 34 -23.22 -22.96 14.31
N TYR B 35 -22.16 -22.25 13.96
CA TYR B 35 -21.63 -22.27 12.60
C TYR B 35 -20.13 -22.52 12.56
N TRP B 36 -19.66 -23.16 11.50
CA TRP B 36 -18.24 -23.28 11.23
C TRP B 36 -17.92 -22.60 9.90
N TYR B 37 -16.87 -21.79 9.89
CA TYR B 37 -16.46 -21.10 8.67
C TYR B 37 -15.00 -21.39 8.31
N GLN B 38 -14.75 -21.55 7.02
CA GLN B 38 -13.39 -21.67 6.50
C GLN B 38 -13.02 -20.39 5.78
N GLN B 39 -11.94 -19.74 6.21
CA GLN B 39 -11.53 -18.48 5.60
C GLN B 39 -10.07 -18.49 5.16
N ASP B 40 -9.85 -18.42 3.86
CA ASP B 40 -8.50 -18.30 3.33
C ASP B 40 -8.08 -16.82 3.38
N PRO B 41 -6.78 -16.55 3.28
CA PRO B 41 -6.28 -15.18 3.28
C PRO B 41 -6.87 -14.36 2.14
N GLY B 42 -7.36 -13.16 2.44
CA GLY B 42 -7.97 -12.32 1.44
C GLY B 42 -9.19 -12.97 0.83
N MET B 43 -9.71 -13.98 1.51
CA MET B 43 -10.87 -14.74 1.08
C MET B 43 -12.08 -14.31 1.89
N GLU B 44 -13.27 -14.43 1.30
CA GLU B 44 -14.50 -14.25 2.05
C GLU B 44 -14.73 -15.42 3.00
N LEU B 45 -15.56 -15.21 4.02
CA LEU B 45 -15.94 -16.28 4.94
C LEU B 45 -16.83 -17.30 4.25
N HIS B 46 -16.52 -18.58 4.45
CA HIS B 46 -17.28 -19.65 3.82
C HIS B 46 -17.95 -20.55 4.85
N LEU B 47 -19.27 -20.66 4.79
CA LEU B 47 -19.98 -21.56 5.68
C LEU B 47 -19.63 -22.99 5.30
N ILE B 48 -19.13 -23.73 6.27
CA ILE B 48 -18.72 -25.12 6.06
C ILE B 48 -19.70 -26.08 6.73
N HIS B 49 -19.86 -25.95 8.05
CA HIS B 49 -20.90 -26.69 8.77
C HIS B 49 -21.77 -25.76 9.60
N TYR B 50 -22.99 -26.20 9.90
CA TYR B 50 -23.89 -25.47 10.79
C TYR B 50 -24.83 -26.43 11.50
N SER B 51 -25.33 -26.02 12.66
CA SER B 51 -26.28 -26.84 13.42
C SER B 51 -27.40 -26.02 14.04
N TYR B 52 -28.64 -26.45 13.80
CA TYR B 52 -29.81 -25.79 14.35
C TYR B 52 -29.94 -25.97 15.85
N GLY B 53 -29.37 -27.06 16.36
CA GLY B 53 -29.60 -27.46 17.72
C GLY B 53 -28.81 -28.68 18.14
N VAL B 54 -29.33 -29.33 19.17
CA VAL B 54 -28.60 -30.36 19.89
C VAL B 54 -28.70 -31.77 19.37
N ASN B 55 -29.13 -32.04 18.16
CA ASN B 55 -28.75 -33.21 17.39
C ASN B 55 -28.47 -32.89 15.92
N SER B 56 -28.56 -31.60 15.59
CA SER B 56 -28.62 -31.15 14.21
C SER B 56 -27.26 -31.16 13.51
N THR B 57 -27.21 -31.81 12.36
CA THR B 57 -25.98 -31.92 11.58
C THR B 57 -26.23 -31.47 10.15
N LYS B 59 -24.85 -29.88 6.43
CA LYS B 59 -23.75 -29.47 5.56
C LYS B 59 -23.98 -28.05 5.05
N GLY B 60 -22.96 -27.21 5.19
CA GLY B 60 -23.04 -25.82 4.82
C GLY B 60 -23.03 -25.59 3.31
N ASP B 61 -22.93 -24.33 2.92
CA ASP B 61 -22.95 -23.94 1.52
C ASP B 61 -21.67 -24.33 0.80
N LEU B 62 -20.58 -24.46 1.55
CA LEU B 62 -19.32 -24.91 0.99
C LEU B 62 -19.13 -26.40 1.25
N SER B 63 -18.58 -27.11 0.27
CA SER B 63 -18.37 -28.54 0.39
C SER B 63 -17.05 -28.86 1.08
N GLU B 65 -14.67 -32.22 3.30
CA GLU B 65 -14.45 -33.58 3.79
C GLU B 65 -14.65 -33.65 5.29
N SER B 66 -14.56 -32.51 5.95
CA SER B 66 -14.66 -32.44 7.40
C SER B 66 -16.05 -32.83 7.90
N THR B 67 -16.12 -33.25 9.15
CA THR B 67 -17.39 -33.56 9.79
C THR B 67 -17.53 -32.81 11.11
N VAL B 68 -18.76 -32.57 11.53
CA VAL B 68 -19.03 -31.89 12.79
C VAL B 68 -19.93 -32.72 13.69
N SER B 69 -19.77 -32.54 14.99
CA SER B 69 -20.53 -33.31 15.98
C SER B 69 -21.21 -32.42 17.00
N ARG B 70 -22.53 -32.45 17.02
CA ARG B 70 -23.29 -31.75 18.06
C ARG B 70 -23.96 -32.77 18.97
N ILE B 71 -23.46 -32.86 20.21
CA ILE B 71 -24.00 -33.78 21.19
C ILE B 71 -24.55 -33.01 22.37
N ARG B 72 -23.68 -32.28 23.06
CA ARG B 72 -24.11 -31.39 24.12
C ARG B 72 -24.16 -29.96 23.60
N THR B 73 -25.12 -29.18 24.10
CA THR B 73 -25.38 -27.84 23.59
C THR B 73 -24.13 -26.98 23.48
N GLU B 74 -23.28 -27.03 24.51
CA GLU B 74 -22.13 -26.14 24.59
C GLU B 74 -21.02 -26.48 23.61
N HIS B 75 -21.00 -27.72 23.12
CA HIS B 75 -19.88 -28.19 22.32
C HIS B 75 -20.25 -28.51 20.87
N PHE B 76 -19.46 -27.95 19.95
CA PHE B 76 -19.66 -28.14 18.52
C PHE B 76 -18.31 -28.28 17.83
N PRO B 77 -17.58 -29.37 18.12
CA PRO B 77 -16.24 -29.57 17.57
C PRO B 77 -16.26 -29.93 16.08
N LEU B 78 -15.15 -29.68 15.39
CA LEU B 78 -15.01 -30.03 13.98
C LEU B 78 -13.86 -31.02 13.81
N THR B 79 -14.03 -31.97 12.91
CA THR B 79 -13.05 -33.03 12.75
C THR B 79 -12.60 -33.21 11.29
N LEU B 80 -11.31 -33.38 11.11
CA LEU B 80 -10.76 -33.82 9.83
C LEU B 80 -10.13 -35.18 10.00
N GLU B 81 -10.76 -36.21 9.42
CA GLU B 81 -10.29 -37.58 9.60
C GLU B 81 -8.86 -37.78 9.11
N SER B 82 -8.62 -37.44 7.85
CA SER B 82 -7.27 -37.52 7.28
C SER B 82 -6.85 -36.16 6.73
N ALA B 83 -5.73 -35.65 7.24
CA ALA B 83 -5.28 -34.29 6.91
C ALA B 83 -4.56 -34.21 5.56
N ARG B 84 -4.77 -33.09 4.87
CA ARG B 84 -4.10 -32.82 3.59
C ARG B 84 -3.80 -31.33 3.47
N PRO B 85 -2.71 -30.98 2.78
CA PRO B 85 -2.31 -29.58 2.58
C PRO B 85 -3.47 -28.72 2.06
N SER B 86 -4.36 -29.33 1.29
CA SER B 86 -5.53 -28.62 0.77
C SER B 86 -6.34 -27.96 1.87
N HIS B 87 -6.21 -28.50 3.09
CA HIS B 87 -7.00 -28.03 4.21
C HIS B 87 -6.45 -26.75 4.84
N THR B 88 -5.21 -26.42 4.51
CA THR B 88 -4.59 -25.25 5.14
C THR B 88 -5.49 -24.04 4.94
N SER B 89 -5.86 -23.41 6.05
CA SER B 89 -6.76 -22.27 6.04
C SER B 89 -7.08 -21.87 7.47
N GLN B 90 -7.83 -20.80 7.64
CA GLN B 90 -8.31 -20.43 8.96
C GLN B 90 -9.73 -20.94 9.16
N TYR B 91 -10.02 -21.39 10.37
CA TYR B 91 -11.34 -21.95 10.68
C TYR B 91 -11.99 -21.19 11.83
N LEU B 92 -13.11 -20.55 11.53
CA LEU B 92 -13.84 -19.78 12.52
C LEU B 92 -15.11 -20.50 12.94
N CYS B 93 -15.46 -20.38 14.22
CA CYS B 93 -16.72 -20.91 14.72
C CYS B 93 -17.59 -19.75 15.23
N ALA B 94 -18.90 -19.90 15.06
CA ALA B 94 -19.82 -18.84 15.46
C ALA B 94 -21.12 -19.42 16.02
N SER B 95 -21.88 -18.57 16.72
CA SER B 95 -23.20 -18.95 17.20
C SER B 95 -24.19 -17.83 16.95
N SER B 96 -25.45 -18.05 17.29
CA SER B 96 -26.51 -17.07 17.02
C SER B 96 -27.41 -16.86 18.24
N GLU B 97 -27.81 -15.60 18.45
CA GLU B 97 -28.67 -15.25 19.57
C GLU B 97 -30.14 -15.28 19.17
N GLU B 98 -31.01 -14.96 20.12
CA GLU B 98 -32.44 -14.96 19.89
C GLU B 98 -32.88 -13.78 19.03
N GLY B 99 -33.68 -14.07 18.01
CA GLY B 99 -34.21 -13.06 17.11
C GLY B 99 -35.46 -13.58 16.45
N ALA B 100 -36.01 -12.84 15.51
CA ALA B 100 -37.18 -13.28 14.78
C ALA B 100 -36.91 -14.64 14.15
N LEU B 101 -37.77 -15.62 14.43
CA LEU B 101 -37.60 -16.97 13.92
C LEU B 101 -38.09 -17.07 12.47
N VAL B 105 -31.72 -16.06 11.32
CA VAL B 105 -30.46 -15.77 12.00
C VAL B 105 -30.58 -14.56 12.93
N GLY B 106 -29.92 -14.64 14.07
CA GLY B 106 -29.85 -13.53 14.99
C GLY B 106 -28.46 -12.91 14.95
N THR B 107 -28.07 -12.25 16.03
CA THR B 107 -26.72 -11.71 16.12
C THR B 107 -25.72 -12.87 16.16
N GLN B 108 -24.63 -12.71 15.41
CA GLN B 108 -23.66 -13.79 15.27
C GLN B 108 -22.39 -13.48 16.04
N TYR B 109 -21.98 -14.39 16.92
CA TYR B 109 -20.77 -14.22 17.70
C TYR B 109 -19.67 -15.17 17.22
N PHE B 110 -18.44 -14.66 17.15
CA PHE B 110 -17.34 -15.45 16.60
C PHE B 110 -16.25 -15.74 17.61
N GLY B 111 -15.59 -16.89 17.43
CA GLY B 111 -14.44 -17.24 18.23
C GLY B 111 -13.18 -16.67 17.61
N PRO B 112 -12.03 -16.87 18.26
CA PRO B 112 -10.75 -16.36 17.77
C PRO B 112 -10.26 -17.08 16.51
N GLY B 113 -10.80 -18.27 16.26
CA GLY B 113 -10.46 -19.02 15.08
C GLY B 113 -9.19 -19.84 15.22
N THR B 114 -8.96 -20.74 14.25
CA THR B 114 -7.77 -21.57 14.23
C THR B 114 -7.04 -21.40 12.91
N ARG B 115 -5.74 -21.14 12.97
CA ARG B 115 -4.94 -21.13 11.76
C ARG B 115 -4.38 -22.54 11.60
N LEU B 116 -4.86 -23.24 10.59
CA LEU B 116 -4.45 -24.61 10.36
C LEU B 116 -3.45 -24.68 9.22
N LEU B 117 -2.30 -25.30 9.49
CA LEU B 117 -1.27 -25.48 8.49
C LEU B 117 -0.96 -26.97 8.35
N VAL B 118 -1.24 -27.53 7.18
CA VAL B 118 -0.88 -28.92 6.92
C VAL B 118 0.31 -29.01 6.00
N LEU B 119 1.40 -29.55 6.52
CA LEU B 119 2.61 -29.77 5.75
C LEU B 119 2.81 -31.27 5.59
N GLU B 120 3.45 -31.67 4.51
CA GLU B 120 3.77 -33.07 4.29
C GLU B 120 4.98 -33.49 5.13
N ASP B 121 5.90 -32.56 5.31
CA ASP B 121 7.09 -32.81 6.13
C ASP B 121 7.24 -31.77 7.22
N LEU B 122 7.57 -32.22 8.42
CA LEU B 122 7.72 -31.32 9.57
C LEU B 122 9.17 -30.91 9.84
N LYS B 123 10.10 -31.38 9.01
CA LYS B 123 11.52 -31.13 9.25
C LYS B 123 11.86 -29.64 9.23
N ASN B 124 11.00 -28.83 8.63
CA ASN B 124 11.28 -27.40 8.48
C ASN B 124 10.90 -26.55 9.69
N VAL B 125 10.13 -27.12 10.60
CA VAL B 125 9.67 -26.36 11.76
C VAL B 125 10.80 -26.01 12.73
N PHE B 126 10.89 -24.73 13.08
CA PHE B 126 11.95 -24.22 13.94
C PHE B 126 11.38 -23.34 15.04
N PRO B 127 11.98 -23.39 16.23
CA PRO B 127 11.63 -22.46 17.31
C PRO B 127 12.28 -21.10 17.06
N PRO B 128 11.65 -20.02 17.57
CA PRO B 128 12.20 -18.67 17.44
C PRO B 128 13.33 -18.36 18.43
N GLU B 129 14.16 -17.40 18.09
CA GLU B 129 15.13 -16.83 19.01
C GLU B 129 14.74 -15.40 19.33
N VAL B 130 14.63 -15.09 20.61
CA VAL B 130 14.17 -13.78 21.03
C VAL B 130 15.32 -12.97 21.60
N ALA B 131 15.34 -11.69 21.28
CA ALA B 131 16.35 -10.78 21.80
C ALA B 131 15.75 -9.43 22.12
N VAL B 132 16.20 -8.84 23.22
CA VAL B 132 15.76 -7.50 23.59
C VAL B 132 16.90 -6.50 23.41
N PHE B 133 16.57 -5.33 22.88
CA PHE B 133 17.55 -4.27 22.69
C PHE B 133 17.12 -3.03 23.47
N GLU B 134 18.00 -2.56 24.34
CA GLU B 134 17.68 -1.46 25.25
C GLU B 134 17.70 -0.11 24.54
N PRO B 135 16.95 0.86 25.07
CA PRO B 135 16.84 2.22 24.50
C PRO B 135 18.20 2.89 24.33
N SER B 136 18.33 3.72 23.29
CA SER B 136 19.55 4.48 23.08
C SER B 136 19.58 5.71 23.97
N GLU B 137 20.78 6.12 24.38
CA GLU B 137 20.92 7.33 25.18
C GLU B 137 20.55 8.57 24.38
N ALA B 138 20.79 8.51 23.07
CA ALA B 138 20.46 9.61 22.18
C ALA B 138 18.96 9.90 22.19
N GLU B 139 18.16 8.84 22.09
CA GLU B 139 16.71 8.99 22.09
C GLU B 139 16.20 9.57 23.41
N ILE B 140 16.74 9.06 24.51
CA ILE B 140 16.29 9.48 25.83
C ILE B 140 16.48 10.98 26.07
N SER B 141 17.69 11.47 25.86
CA SER B 141 17.96 12.89 26.11
C SER B 141 17.23 13.78 25.11
N HIS B 142 17.07 13.29 23.89
CA HIS B 142 16.36 14.06 22.86
C HIS B 142 14.86 14.11 23.09
N THR B 143 14.22 12.95 23.20
CA THR B 143 12.77 12.87 23.27
C THR B 143 12.21 12.69 24.69
N GLN B 144 13.08 12.56 25.68
CA GLN B 144 12.65 12.23 27.04
C GLN B 144 11.77 10.98 27.01
N LYS B 145 12.11 10.05 26.13
CA LYS B 145 11.39 8.79 26.01
C LYS B 145 12.36 7.64 25.71
N ALA B 146 11.96 6.43 26.06
CA ALA B 146 12.81 5.27 25.86
C ALA B 146 12.05 4.16 25.14
N THR B 147 12.61 3.71 24.02
CA THR B 147 12.01 2.64 23.23
C THR B 147 12.86 1.38 23.31
N LEU B 148 12.23 0.26 23.63
CA LEU B 148 12.89 -1.04 23.59
C LEU B 148 12.41 -1.77 22.36
N VAL B 149 13.30 -2.58 21.77
CA VAL B 149 12.93 -3.36 20.60
C VAL B 149 13.12 -4.83 20.90
N CYS B 150 12.16 -5.65 20.46
CA CYS B 150 12.27 -7.08 20.60
C CYS B 150 12.30 -7.74 19.22
N LEU B 151 13.17 -8.73 19.07
CA LEU B 151 13.27 -9.47 17.82
C LEU B 151 13.09 -10.96 18.05
N ALA B 152 12.17 -11.57 17.29
CA ALA B 152 12.03 -13.01 17.26
C ALA B 152 12.37 -13.46 15.85
N THR B 153 13.31 -14.39 15.74
CA THR B 153 13.83 -14.75 14.42
C THR B 153 14.03 -16.25 14.22
N GLY B 154 14.21 -16.64 12.96
CA GLY B 154 14.51 -18.01 12.61
C GLY B 154 13.40 -18.99 12.96
N PHE B 155 12.15 -18.52 12.97
CA PHE B 155 11.04 -19.39 13.34
C PHE B 155 10.16 -19.79 12.15
N TYR B 156 9.78 -21.07 12.14
CA TYR B 156 8.82 -21.60 11.19
C TYR B 156 8.01 -22.66 11.91
N PRO B 157 6.70 -22.77 11.63
CA PRO B 157 5.86 -21.96 10.74
C PRO B 157 5.61 -20.57 11.31
N ASP B 158 4.63 -19.87 10.74
CA ASP B 158 4.36 -18.49 11.10
C ASP B 158 3.57 -18.35 12.42
N HIS B 159 3.28 -19.47 13.08
CA HIS B 159 2.43 -19.38 14.25
C HIS B 159 3.21 -18.85 15.45
N VAL B 160 2.86 -17.64 15.88
CA VAL B 160 3.59 -16.97 16.93
C VAL B 160 2.72 -15.92 17.64
N GLU B 161 2.92 -15.76 18.94
CA GLU B 161 2.29 -14.68 19.68
C GLU B 161 3.32 -13.99 20.56
N LEU B 162 3.58 -12.73 20.25
CA LEU B 162 4.58 -11.95 20.97
C LEU B 162 3.87 -11.03 21.95
N SER B 163 4.40 -10.93 23.17
CA SER B 163 3.78 -10.10 24.19
C SER B 163 4.82 -9.45 25.10
N TRP B 164 4.48 -8.31 25.68
CA TRP B 164 5.37 -7.59 26.58
C TRP B 164 4.87 -7.67 28.01
N TRP B 165 5.79 -7.83 28.95
CA TRP B 165 5.43 -7.88 30.36
C TRP B 165 6.32 -6.97 31.17
N VAL B 166 5.70 -5.95 31.77
CA VAL B 166 6.44 -4.99 32.56
C VAL B 166 6.12 -5.19 34.04
N ASN B 167 7.16 -5.40 34.83
CA ASN B 167 7.01 -5.64 36.26
C ASN B 167 5.98 -6.73 36.55
N GLY B 168 5.92 -7.74 35.68
CA GLY B 168 5.10 -8.91 35.92
C GLY B 168 3.74 -8.90 35.22
N LYS B 169 3.28 -7.73 34.85
CA LYS B 169 1.96 -7.60 34.21
C LYS B 169 2.09 -7.27 32.74
N GLU B 170 1.25 -7.89 31.91
CA GLU B 170 1.25 -7.62 30.48
C GLU B 170 0.84 -6.18 30.20
N VAL B 171 1.54 -5.52 29.27
CA VAL B 171 1.20 -4.15 28.90
C VAL B 171 0.87 -4.01 27.41
N HIS B 172 -0.28 -3.43 27.12
CA HIS B 172 -0.67 -3.13 25.75
C HIS B 172 -0.38 -1.69 25.29
N SER B 173 -0.01 -0.85 26.24
CA SER B 173 0.16 0.58 25.95
C SER B 173 1.62 0.94 25.68
N GLY B 174 1.85 1.62 24.56
CA GLY B 174 3.20 1.96 24.14
C GLY B 174 3.80 0.83 23.34
N VAL B 175 2.96 -0.09 22.90
CA VAL B 175 3.44 -1.28 22.19
C VAL B 175 2.97 -1.34 20.73
N CYS B 176 3.91 -1.69 19.87
CA CYS B 176 3.66 -1.81 18.45
C CYS B 176 4.32 -3.08 17.95
N THR B 177 3.56 -3.92 17.27
CA THR B 177 4.09 -5.18 16.75
C THR B 177 3.84 -5.28 15.25
N ASP B 178 4.83 -5.78 14.52
CA ASP B 178 4.67 -5.97 13.09
C ASP B 178 3.41 -6.76 12.80
N PRO B 179 2.52 -6.21 11.97
CA PRO B 179 1.30 -6.89 11.55
C PRO B 179 1.65 -8.21 10.87
N GLN B 180 2.64 -8.16 9.98
CA GLN B 180 3.14 -9.35 9.31
C GLN B 180 4.63 -9.54 9.61
N PRO B 181 5.05 -10.79 9.73
CA PRO B 181 6.46 -11.18 9.91
C PRO B 181 7.22 -11.13 8.60
N LEU B 182 8.54 -10.99 8.67
CA LEU B 182 9.38 -10.96 7.49
C LEU B 182 9.91 -12.35 7.16
N LYS B 183 9.98 -12.66 5.87
CA LYS B 183 10.67 -13.87 5.43
C LYS B 183 12.15 -13.57 5.44
N GLU B 184 12.94 -14.47 6.02
CA GLU B 184 14.39 -14.29 6.04
C GLU B 184 14.98 -14.56 4.66
N GLN B 185 14.48 -15.60 4.00
CA GLN B 185 14.84 -15.85 2.61
C GLN B 185 13.57 -15.98 1.76
N PRO B 186 13.01 -14.83 1.35
CA PRO B 186 11.71 -14.71 0.68
C PRO B 186 11.67 -15.41 -0.68
N ALA B 187 12.83 -15.64 -1.28
CA ALA B 187 12.90 -16.35 -2.56
C ALA B 187 12.47 -17.81 -2.37
N LEU B 188 12.51 -18.26 -1.11
CA LEU B 188 12.18 -19.64 -0.79
C LEU B 188 10.75 -19.77 -0.26
N ASN B 189 10.05 -20.81 -0.72
CA ASN B 189 8.65 -21.01 -0.36
C ASN B 189 8.46 -21.29 1.12
N ASP B 190 9.23 -22.25 1.65
CA ASP B 190 9.22 -22.51 3.09
C ASP B 190 10.46 -21.87 3.70
N SER B 191 10.25 -20.78 4.42
CA SER B 191 11.34 -19.96 4.92
C SER B 191 11.07 -19.50 6.34
N ARG B 192 12.09 -19.58 7.19
CA ARG B 192 11.95 -19.17 8.57
C ARG B 192 11.69 -17.67 8.63
N TYR B 193 11.06 -17.21 9.70
CA TYR B 193 10.60 -15.83 9.75
C TYR B 193 11.31 -14.98 10.79
N ALA B 194 10.95 -13.69 10.81
CA ALA B 194 11.45 -12.75 11.79
C ALA B 194 10.35 -11.74 12.08
N LEU B 195 10.23 -11.37 13.35
CA LEU B 195 9.18 -10.44 13.79
C LEU B 195 9.73 -9.53 14.86
N SER B 196 9.40 -8.25 14.76
CA SER B 196 9.89 -7.27 15.72
C SER B 196 8.73 -6.58 16.42
N SER B 197 9.02 -5.98 17.57
CA SER B 197 8.04 -5.23 18.34
C SER B 197 8.72 -4.11 19.11
N ARG B 198 7.99 -3.04 19.39
CA ARG B 198 8.55 -1.92 20.14
C ARG B 198 7.71 -1.63 21.37
N LEU B 199 8.39 -1.36 22.49
CA LEU B 199 7.72 -0.89 23.69
C LEU B 199 8.34 0.44 24.09
N ARG B 200 7.51 1.47 24.16
CA ARG B 200 8.01 2.81 24.47
C ARG B 200 7.48 3.29 25.81
N VAL B 201 8.39 3.74 26.66
CA VAL B 201 8.07 4.19 28.00
C VAL B 201 8.75 5.52 28.29
N SER B 202 8.33 6.20 29.35
CA SER B 202 8.96 7.46 29.72
C SER B 202 10.41 7.21 30.12
N ALA B 203 11.25 8.22 29.94
CA ALA B 203 12.67 8.09 30.25
C ALA B 203 12.92 7.72 31.72
N THR B 204 12.34 8.48 32.64
CA THR B 204 12.54 8.22 34.06
C THR B 204 12.10 6.81 34.40
N PHE B 205 11.00 6.37 33.79
CA PHE B 205 10.51 5.02 34.00
C PHE B 205 11.61 4.02 33.64
N TRP B 206 12.17 4.15 32.45
CA TRP B 206 13.25 3.28 32.02
C TRP B 206 14.49 3.42 32.91
N GLN B 207 14.68 4.60 33.48
CA GLN B 207 15.88 4.89 34.25
C GLN B 207 15.79 4.38 35.69
N ASN B 208 14.64 3.80 36.02
CA ASN B 208 14.46 3.11 37.29
C ASN B 208 14.91 1.65 37.15
N PRO B 209 15.97 1.27 37.88
CA PRO B 209 16.57 -0.08 37.81
C PRO B 209 15.67 -1.17 38.40
N ARG B 210 14.69 -0.78 39.19
CA ARG B 210 13.77 -1.74 39.79
C ARG B 210 12.71 -2.18 38.78
N ASN B 211 12.74 -1.53 37.61
CA ASN B 211 11.80 -1.87 36.55
C ASN B 211 12.29 -3.01 35.65
N HIS B 212 11.43 -4.02 35.51
CA HIS B 212 11.75 -5.21 34.75
C HIS B 212 10.95 -5.23 33.46
N PHE B 213 11.62 -5.58 32.36
CA PHE B 213 10.97 -5.67 31.06
C PHE B 213 11.23 -7.04 30.49
N ARG B 214 10.17 -7.70 30.02
CA ARG B 214 10.33 -9.02 29.44
C ARG B 214 9.53 -9.14 28.17
N CYS B 215 10.22 -9.50 27.09
CA CYS B 215 9.56 -9.77 25.83
C CYS B 215 9.40 -11.28 25.70
N GLN B 216 8.15 -11.72 25.53
CA GLN B 216 7.83 -13.14 25.44
C GLN B 216 7.26 -13.45 24.08
N VAL B 217 7.76 -14.51 23.45
CA VAL B 217 7.14 -15.04 22.25
C VAL B 217 6.59 -16.45 22.51
N GLN B 218 5.32 -16.65 22.20
CA GLN B 218 4.72 -17.97 22.30
C GLN B 218 4.75 -18.66 20.93
N PHE B 219 5.52 -19.73 20.84
CA PHE B 219 5.65 -20.46 19.58
C PHE B 219 4.77 -21.70 19.59
N TYR B 220 4.01 -21.89 18.51
CA TYR B 220 3.20 -23.10 18.39
C TYR B 220 3.88 -24.08 17.44
N GLY B 221 4.47 -25.10 18.04
CA GLY B 221 5.23 -26.12 17.32
C GLY B 221 4.58 -27.49 17.33
N LEU B 222 5.42 -28.50 17.22
CA LEU B 222 5.02 -29.89 17.38
C LEU B 222 4.74 -30.21 18.85
N SER B 223 4.39 -31.47 19.10
CA SER B 223 4.10 -31.96 20.43
C SER B 223 5.01 -33.13 20.75
N GLU B 224 5.11 -33.51 22.02
CA GLU B 224 5.89 -34.68 22.39
C GLU B 224 5.44 -35.91 21.62
N ASN B 225 4.14 -35.98 21.35
CA ASN B 225 3.55 -37.07 20.59
C ASN B 225 4.16 -37.21 19.18
N ASP B 226 4.53 -36.08 18.60
CA ASP B 226 5.06 -36.06 17.23
C ASP B 226 6.43 -36.73 17.12
N GLU B 227 6.76 -37.21 15.94
CA GLU B 227 8.03 -37.91 15.70
C GLU B 227 9.13 -36.96 15.22
N TRP B 228 10.31 -37.08 15.81
CA TRP B 228 11.44 -36.25 15.40
C TRP B 228 12.73 -37.07 15.21
N THR B 229 13.19 -37.16 13.97
CA THR B 229 14.40 -37.93 13.64
C THR B 229 15.67 -37.08 13.46
N GLN B 230 15.54 -35.76 13.56
CA GLN B 230 16.67 -34.88 13.27
C GLN B 230 17.64 -34.76 14.45
N ASP B 231 18.71 -34.00 14.25
CA ASP B 231 19.76 -33.85 15.26
C ASP B 231 19.37 -32.87 16.35
N ARG B 232 18.79 -31.74 15.97
CA ARG B 232 18.42 -30.69 16.90
C ARG B 232 17.21 -31.10 17.73
N ALA B 233 17.03 -30.45 18.88
CA ALA B 233 15.90 -30.72 19.75
C ALA B 233 14.58 -30.50 19.00
N LYS B 234 13.60 -31.36 19.27
CA LYS B 234 12.29 -31.25 18.64
C LYS B 234 11.73 -29.84 18.85
N PRO B 235 11.22 -29.23 17.77
CA PRO B 235 10.65 -27.88 17.84
C PRO B 235 9.21 -27.89 18.36
N VAL B 236 9.04 -28.25 19.62
CA VAL B 236 7.71 -28.28 20.25
C VAL B 236 7.20 -26.89 20.58
N THR B 237 5.88 -26.80 20.78
CA THR B 237 5.25 -25.58 21.27
C THR B 237 5.99 -25.16 22.53
N GLN B 238 6.22 -23.86 22.69
CA GLN B 238 7.06 -23.38 23.78
C GLN B 238 7.12 -21.86 23.88
N ILE B 239 7.64 -21.37 25.00
CA ILE B 239 7.81 -19.94 25.24
C ILE B 239 9.28 -19.58 25.18
N VAL B 240 9.62 -18.57 24.39
CA VAL B 240 10.98 -18.06 24.34
C VAL B 240 11.02 -16.60 24.78
N SER B 241 11.85 -16.29 25.77
CA SER B 241 11.86 -14.97 26.38
C SER B 241 13.20 -14.24 26.31
N ALA B 242 13.14 -12.91 26.45
CA ALA B 242 14.32 -12.08 26.60
C ALA B 242 13.95 -10.91 27.49
N GLU B 243 14.85 -10.51 28.38
CA GLU B 243 14.52 -9.46 29.34
C GLU B 243 15.61 -8.41 29.53
N ALA B 244 15.20 -7.26 30.06
CA ALA B 244 16.13 -6.18 30.36
C ALA B 244 15.70 -5.49 31.64
N TRP B 245 16.66 -5.04 32.42
CA TRP B 245 16.37 -4.25 33.61
C TRP B 245 16.64 -2.78 33.33
N GLY B 246 15.78 -1.91 33.85
CA GLY B 246 15.96 -0.49 33.68
C GLY B 246 17.36 -0.05 34.05
N ARG B 247 17.89 0.90 33.29
CA ARG B 247 19.27 1.34 33.48
C ARG B 247 19.33 2.72 34.13
N ALA B 248 19.99 2.80 35.28
CA ALA B 248 20.23 4.10 35.92
C ALA B 248 21.42 4.76 35.25
N ASP B 249 21.25 6.02 34.86
CA ASP B 249 22.29 6.73 34.13
C ASP B 249 23.34 7.34 35.05
N ASN C 4 -1.31 22.95 8.76
CA ASN C 4 -1.82 23.33 7.45
C ASN C 4 -3.23 23.91 7.54
N GLN C 5 -3.53 24.88 6.68
CA GLN C 5 -4.84 25.51 6.66
C GLN C 5 -5.79 24.90 5.64
N VAL C 6 -5.31 23.90 4.90
CA VAL C 6 -6.17 23.15 3.98
C VAL C 6 -6.01 21.64 4.20
N GLU C 7 -7.13 20.99 4.47
CA GLU C 7 -7.15 19.58 4.88
C GLU C 7 -7.97 18.75 3.91
N GLN C 8 -7.47 17.59 3.52
CA GLN C 8 -8.22 16.73 2.61
C GLN C 8 -8.51 15.33 3.17
N SER C 9 -9.66 14.79 2.81
CA SER C 9 -10.06 13.46 3.25
C SER C 9 -10.71 12.70 2.11
N PRO C 10 -10.41 11.41 1.97
CA PRO C 10 -9.43 10.65 2.75
C PRO C 10 -8.01 10.93 2.25
N GLN C 11 -7.03 10.22 2.79
CA GLN C 11 -5.66 10.36 2.33
C GLN C 11 -5.50 9.70 0.96
N SER C 12 -6.08 8.52 0.82
CA SER C 12 -6.14 7.84 -0.47
C SER C 12 -7.27 6.81 -0.47
N LEU C 13 -7.69 6.41 -1.66
CA LEU C 13 -8.68 5.34 -1.77
C LEU C 13 -8.58 4.63 -3.12
N ILE C 14 -9.07 3.39 -3.17
CA ILE C 14 -9.03 2.60 -4.39
C ILE C 14 -10.43 2.12 -4.74
N ILE C 15 -10.88 2.44 -5.95
CA ILE C 15 -12.20 2.02 -6.40
C ILE C 15 -12.11 1.33 -7.76
N LEU C 16 -13.10 0.50 -8.06
CA LEU C 16 -13.20 -0.13 -9.38
C LEU C 16 -13.84 0.83 -10.38
N GLU C 17 -13.51 0.68 -11.65
CA GLU C 17 -14.07 1.52 -12.69
C GLU C 17 -15.59 1.38 -12.75
N GLY C 18 -16.27 2.50 -12.96
CA GLY C 18 -17.72 2.49 -13.07
C GLY C 18 -18.42 2.92 -11.80
N LYS C 19 -17.66 3.16 -10.74
CA LYS C 19 -18.23 3.42 -9.43
C LYS C 19 -17.96 4.86 -9.03
N ASN C 20 -18.71 5.34 -8.05
CA ASN C 20 -18.66 6.74 -7.64
C ASN C 20 -17.87 6.94 -6.36
N CYS C 21 -17.25 8.10 -6.22
CA CYS C 21 -16.57 8.43 -4.97
C CYS C 21 -16.69 9.92 -4.64
N THR C 22 -16.51 10.25 -3.37
CA THR C 22 -16.58 11.63 -2.92
C THR C 22 -15.33 12.00 -2.13
N LEU C 23 -14.76 13.15 -2.44
CA LEU C 23 -13.56 13.61 -1.76
C LEU C 23 -13.90 14.83 -0.90
N GLN C 24 -13.25 14.93 0.26
CA GLN C 24 -13.57 15.97 1.24
C GLN C 24 -12.47 17.02 1.37
N CYS C 25 -12.88 18.26 1.63
CA CYS C 25 -11.94 19.35 1.87
C CYS C 25 -12.43 20.28 2.98
N ASN C 26 -11.55 20.58 3.92
CA ASN C 26 -11.87 21.48 5.03
C ASN C 26 -10.75 22.50 5.22
N TYR C 27 -11.11 23.77 5.45
CA TYR C 27 -10.11 24.82 5.53
C TYR C 27 -10.34 25.81 6.68
N THR C 28 -9.23 26.25 7.28
CA THR C 28 -9.26 27.31 8.29
C THR C 28 -8.88 28.67 7.70
N VAL C 29 -8.62 28.72 6.40
CA VAL C 29 -8.15 29.94 5.74
C VAL C 29 -9.11 31.12 5.91
N SER C 30 -8.60 32.23 6.43
CA SER C 30 -9.40 33.45 6.59
C SER C 30 -8.58 34.69 6.24
N PRO C 31 -9.22 35.67 5.57
CA PRO C 31 -10.59 35.61 5.05
C PRO C 31 -10.69 34.76 3.78
N PHE C 32 -11.82 34.08 3.61
CA PHE C 32 -12.03 33.22 2.45
C PHE C 32 -12.29 34.03 1.18
N SER C 33 -11.91 33.45 0.03
CA SER C 33 -12.15 34.09 -1.26
C SER C 33 -12.80 33.11 -2.24
N ASN C 34 -12.07 32.06 -2.60
CA ASN C 34 -12.58 31.03 -3.52
C ASN C 34 -11.97 29.64 -3.29
N LEU C 35 -12.60 28.63 -3.88
CA LEU C 35 -12.19 27.23 -3.69
C LEU C 35 -12.09 26.52 -5.04
N ARG C 36 -10.99 25.81 -5.29
CA ARG C 36 -10.81 25.08 -6.54
C ARG C 36 -10.26 23.68 -6.32
N TRP C 37 -10.58 22.79 -7.24
CA TRP C 37 -10.05 21.43 -7.22
C TRP C 37 -9.14 21.18 -8.42
N TYR C 38 -7.94 20.69 -8.15
CA TYR C 38 -7.01 20.33 -9.22
C TYR C 38 -6.90 18.83 -9.36
N LYS C 39 -6.68 18.38 -10.59
CA LYS C 39 -6.37 16.98 -10.85
C LYS C 39 -4.95 16.88 -11.40
N GLN C 40 -4.05 16.26 -10.64
CA GLN C 40 -2.68 16.07 -11.09
C GLN C 40 -2.37 14.61 -11.36
N ASP C 41 -2.20 14.26 -12.63
CA ASP C 41 -1.77 12.92 -13.00
C ASP C 41 -0.33 12.74 -12.55
N THR C 42 0.07 11.48 -12.37
CA THR C 42 1.43 11.19 -11.91
C THR C 42 2.48 11.78 -12.85
N GLY C 43 3.38 12.57 -12.28
CA GLY C 43 4.50 13.13 -13.02
C GLY C 43 4.15 14.36 -13.84
N ARG C 44 2.87 14.62 -14.02
CA ARG C 44 2.43 15.74 -14.85
C ARG C 44 2.02 16.95 -14.02
N GLY C 45 1.60 18.01 -14.69
CA GLY C 45 1.19 19.23 -14.02
C GLY C 45 -0.29 19.27 -13.69
N PRO C 46 -0.66 20.03 -12.65
CA PRO C 46 -2.04 20.16 -12.18
C PRO C 46 -2.98 20.72 -13.24
N VAL C 47 -4.21 20.23 -13.27
CA VAL C 47 -5.22 20.74 -14.19
C VAL C 47 -6.43 21.27 -13.43
N SER C 48 -6.77 22.53 -13.66
CA SER C 48 -7.93 23.15 -13.03
C SER C 48 -9.20 22.42 -13.42
N LEU C 49 -9.99 22.02 -12.43
CA LEU C 49 -11.26 21.36 -12.67
C LEU C 49 -12.41 22.33 -12.47
N THR C 50 -12.54 22.84 -11.25
CA THR C 50 -13.65 23.73 -10.91
C THR C 50 -13.18 24.87 -10.00
N ILE C 51 -13.79 26.04 -10.18
CA ILE C 51 -13.55 27.16 -9.27
C ILE C 51 -14.88 27.63 -8.67
N MET C 52 -14.87 27.94 -7.38
CA MET C 52 -16.08 28.30 -6.67
C MET C 52 -15.86 29.46 -5.70
N THR C 53 -16.91 30.23 -5.47
CA THR C 53 -16.89 31.29 -4.47
C THR C 53 -18.05 31.09 -3.50
N PHE C 54 -18.11 31.92 -2.46
CA PHE C 54 -19.14 31.78 -1.45
C PHE C 54 -20.54 31.88 -2.04
N SER C 55 -20.66 32.59 -3.17
CA SER C 55 -21.96 32.81 -3.81
C SER C 55 -22.47 31.56 -4.52
N GLU C 56 -21.57 30.81 -5.15
CA GLU C 56 -21.94 29.58 -5.83
C GLU C 56 -21.61 28.35 -5.01
N ASN C 57 -22.63 27.61 -4.61
CA ASN C 57 -22.45 26.42 -3.79
C ASN C 57 -22.13 25.17 -4.59
N THR C 58 -22.20 25.27 -5.91
CA THR C 58 -21.97 24.11 -6.77
C THR C 58 -21.38 24.46 -8.13
N LYS C 59 -20.59 23.54 -8.68
CA LYS C 59 -20.03 23.67 -10.02
C LYS C 59 -19.92 22.29 -10.67
N SER C 60 -20.06 22.24 -11.98
CA SER C 60 -19.96 20.96 -12.69
C SER C 60 -19.01 21.02 -13.88
N ASN C 61 -18.06 20.10 -13.89
CA ASN C 61 -17.19 19.90 -15.03
C ASN C 61 -17.22 18.41 -15.38
N GLY C 62 -17.83 18.09 -16.52
CA GLY C 62 -17.95 16.70 -16.94
C GLY C 62 -18.59 15.81 -15.88
N ARG C 63 -17.90 14.71 -15.56
CA ARG C 63 -18.39 13.76 -14.57
C ARG C 63 -17.99 14.16 -13.15
N TYR C 64 -17.33 15.31 -13.03
CA TYR C 64 -16.97 15.85 -11.73
C TYR C 64 -17.98 16.89 -11.29
N THR C 65 -18.38 16.83 -10.02
CA THR C 65 -19.28 17.83 -9.46
C THR C 65 -18.74 18.29 -8.10
N ALA C 66 -18.56 19.60 -7.95
CA ALA C 66 -18.00 20.15 -6.73
C ALA C 66 -19.05 20.88 -5.90
N THR C 67 -18.88 20.87 -4.59
CA THR C 67 -19.81 21.52 -3.68
C THR C 67 -19.04 22.40 -2.71
N LEU C 68 -19.63 23.54 -2.35
CA LEU C 68 -19.00 24.44 -1.40
C LEU C 68 -19.95 24.91 -0.31
N ASP C 69 -19.65 24.57 0.93
CA ASP C 69 -20.37 25.14 2.07
C ASP C 69 -19.43 26.10 2.76
N ALA C 70 -19.69 27.39 2.61
CA ALA C 70 -18.80 28.42 3.13
C ALA C 70 -18.99 28.59 4.64
N ASP C 71 -20.18 28.24 5.11
CA ASP C 71 -20.51 28.34 6.52
C ASP C 71 -19.66 27.39 7.35
N THR C 72 -19.67 26.11 6.98
CA THR C 72 -18.88 25.10 7.69
C THR C 72 -17.46 25.00 7.14
N LYS C 73 -17.18 25.80 6.13
CA LYS C 73 -15.86 25.82 5.48
C LYS C 73 -15.45 24.43 5.01
N GLN C 74 -16.25 23.88 4.11
CA GLN C 74 -16.05 22.52 3.63
C GLN C 74 -16.45 22.39 2.17
N SER C 75 -15.73 21.57 1.43
CA SER C 75 -16.01 21.34 0.02
C SER C 75 -15.90 19.87 -0.33
N SER C 76 -16.71 19.43 -1.29
CA SER C 76 -16.67 18.04 -1.74
C SER C 76 -16.57 17.93 -3.26
N LEU C 77 -15.78 16.96 -3.70
CA LEU C 77 -15.69 16.65 -5.13
C LEU C 77 -16.25 15.26 -5.35
N HIS C 78 -17.23 15.15 -6.24
CA HIS C 78 -17.88 13.88 -6.50
C HIS C 78 -17.58 13.39 -7.91
N ILE C 79 -16.91 12.25 -8.03
CA ILE C 79 -16.66 11.63 -9.32
C ILE C 79 -17.75 10.62 -9.66
N THR C 80 -18.27 10.73 -10.88
CA THR C 80 -19.33 9.83 -11.35
C THR C 80 -18.77 8.88 -12.39
N ALA C 81 -19.20 7.61 -12.34
CA ALA C 81 -18.76 6.60 -13.29
C ALA C 81 -17.25 6.69 -13.55
N SER C 82 -16.47 6.37 -12.53
CA SER C 82 -15.02 6.50 -12.57
C SER C 82 -14.36 5.74 -13.72
N GLN C 83 -13.27 6.29 -14.24
CA GLN C 83 -12.49 5.66 -15.30
C GLN C 83 -11.04 5.54 -14.88
N LEU C 84 -10.30 4.65 -15.54
CA LEU C 84 -8.89 4.46 -15.24
C LEU C 84 -8.14 5.79 -15.28
N SER C 85 -8.50 6.63 -16.23
CA SER C 85 -7.84 7.93 -16.39
C SER C 85 -8.08 8.84 -15.18
N ASP C 86 -9.01 8.45 -14.31
CA ASP C 86 -9.31 9.23 -13.11
C ASP C 86 -8.25 9.06 -12.04
N SER C 87 -7.43 8.02 -12.16
CA SER C 87 -6.38 7.79 -11.19
C SER C 87 -5.45 8.99 -11.18
N ALA C 88 -5.30 9.60 -10.01
CA ALA C 88 -4.49 10.81 -9.87
C ALA C 88 -4.62 11.37 -8.47
N SER C 89 -3.80 12.38 -8.17
CA SER C 89 -3.95 13.11 -6.92
C SER C 89 -4.95 14.25 -7.11
N TYR C 90 -5.80 14.46 -6.11
CA TYR C 90 -6.79 15.53 -6.19
C TYR C 90 -6.52 16.60 -5.15
N ILE C 91 -6.20 17.79 -5.63
CA ILE C 91 -5.75 18.88 -4.77
C ILE C 91 -6.85 19.91 -4.55
N CYS C 92 -7.12 20.19 -3.28
CA CYS C 92 -8.05 21.25 -2.92
C CYS C 92 -7.26 22.52 -2.70
N VAL C 93 -7.57 23.55 -3.47
CA VAL C 93 -6.86 24.81 -3.36
C VAL C 93 -7.77 25.93 -2.87
N VAL C 94 -7.33 26.61 -1.82
CA VAL C 94 -8.13 27.66 -1.19
C VAL C 94 -7.49 29.04 -1.39
N SER C 95 -8.28 30.00 -1.84
CA SER C 95 -7.79 31.34 -2.11
C SER C 95 -8.28 32.32 -1.07
N ASP C 96 -7.49 33.37 -0.86
CA ASP C 96 -7.64 34.25 0.28
C ASP C 96 -7.50 35.70 -0.19
N ARG C 97 -8.20 36.62 0.48
CA ARG C 97 -8.19 38.03 0.07
C ARG C 97 -6.89 38.76 0.44
N GLY C 98 -6.55 39.80 -0.31
CA GLY C 98 -5.21 40.37 -0.29
C GLY C 98 -5.21 41.77 -0.91
N SER C 99 -4.07 42.27 -1.34
CA SER C 99 -4.13 43.46 -2.21
C SER C 99 -5.04 43.18 -3.41
N LEU C 101 -4.15 40.33 -5.21
CA LEU C 101 -3.00 39.76 -4.52
C LEU C 101 -3.41 38.62 -3.61
N GLY C 102 -4.37 37.81 -4.05
CA GLY C 102 -4.83 36.67 -3.29
C GLY C 102 -3.74 35.62 -3.11
N ARG C 103 -3.71 34.99 -1.95
CA ARG C 103 -2.72 33.95 -1.66
C ARG C 103 -3.37 32.57 -1.65
N LEU C 104 -2.89 31.68 -2.50
CA LEU C 104 -3.46 30.34 -2.59
C LEU C 104 -2.81 29.39 -1.58
N TYR C 105 -3.66 28.67 -0.84
CA TYR C 105 -3.21 27.63 0.07
C TYR C 105 -3.50 26.28 -0.54
N PHE C 106 -2.47 25.44 -0.65
CA PHE C 106 -2.60 24.16 -1.34
C PHE C 106 -2.76 22.99 -0.38
N GLY C 107 -3.71 22.11 -0.70
CA GLY C 107 -3.85 20.88 0.05
C GLY C 107 -2.80 19.88 -0.40
N ARG C 108 -2.50 18.91 0.46
CA ARG C 108 -1.53 17.87 0.11
C ARG C 108 -2.10 16.89 -0.91
N GLY C 109 -3.41 16.93 -1.09
CA GLY C 109 -4.08 16.11 -2.09
C GLY C 109 -4.59 14.76 -1.60
N THR C 110 -5.43 14.14 -2.42
CA THR C 110 -5.91 12.79 -2.16
C THR C 110 -5.59 11.91 -3.35
N GLN C 111 -4.92 10.80 -3.12
CA GLN C 111 -4.60 9.88 -4.20
C GLN C 111 -5.82 9.02 -4.51
N LEU C 112 -6.29 9.09 -5.74
CA LEU C 112 -7.38 8.25 -6.21
C LEU C 112 -6.84 7.22 -7.18
N THR C 113 -7.15 5.95 -6.94
CA THR C 113 -6.72 4.88 -7.83
C THR C 113 -7.93 4.11 -8.31
N VAL C 114 -8.14 4.11 -9.61
CA VAL C 114 -9.22 3.34 -10.22
C VAL C 114 -8.69 2.00 -10.70
N TRP C 115 -9.43 0.93 -10.41
CA TRP C 115 -9.04 -0.40 -10.86
C TRP C 115 -10.05 -0.92 -11.87
N PRO C 116 -9.59 -1.75 -12.81
CA PRO C 116 -10.47 -2.22 -13.87
C PRO C 116 -11.50 -3.22 -13.37
N ASP C 117 -12.64 -3.28 -14.04
CA ASP C 117 -13.64 -4.31 -13.76
C ASP C 117 -13.44 -5.47 -14.71
N ILE C 118 -13.00 -6.61 -14.18
CA ILE C 118 -12.65 -7.75 -15.02
C ILE C 118 -13.74 -8.81 -15.06
N GLN C 119 -14.37 -8.96 -16.22
CA GLN C 119 -15.48 -9.88 -16.39
C GLN C 119 -15.03 -11.33 -16.57
N ASN C 120 -13.94 -11.52 -17.33
CA ASN C 120 -13.44 -12.86 -17.59
C ASN C 120 -12.01 -13.05 -17.09
N PRO C 121 -11.82 -13.00 -15.76
CA PRO C 121 -10.48 -13.23 -15.21
C PRO C 121 -9.95 -14.60 -15.61
N ASP C 122 -8.73 -14.64 -16.13
CA ASP C 122 -8.14 -15.88 -16.60
C ASP C 122 -6.70 -16.00 -16.09
N PRO C 123 -6.52 -15.96 -14.76
CA PRO C 123 -5.20 -15.86 -14.13
C PRO C 123 -4.23 -16.97 -14.57
N ALA C 124 -3.03 -16.56 -14.95
CA ALA C 124 -2.02 -17.51 -15.41
C ALA C 124 -0.61 -16.92 -15.24
N VAL C 125 0.38 -17.79 -15.21
CA VAL C 125 1.77 -17.37 -15.20
C VAL C 125 2.54 -18.03 -16.34
N TYR C 126 3.14 -17.22 -17.20
CA TYR C 126 3.88 -17.74 -18.34
C TYR C 126 5.33 -17.33 -18.25
N GLN C 127 6.18 -18.05 -18.97
CA GLN C 127 7.60 -17.69 -19.03
C GLN C 127 7.95 -17.14 -20.40
N LEU C 128 8.36 -15.87 -20.44
CA LEU C 128 8.80 -15.25 -21.68
C LEU C 128 10.31 -15.34 -21.82
N ARG C 129 10.79 -15.58 -23.03
CA ARG C 129 12.23 -15.69 -23.27
C ARG C 129 12.76 -14.47 -24.01
N ASP C 130 14.02 -14.12 -23.74
CA ASP C 130 14.66 -13.00 -24.41
C ASP C 130 14.93 -13.33 -25.87
N SER C 131 14.49 -12.43 -26.76
CA SER C 131 14.73 -12.59 -28.19
C SER C 131 16.22 -12.55 -28.52
N LYS C 132 16.93 -11.60 -27.92
CA LYS C 132 18.37 -11.47 -28.14
C LYS C 132 19.12 -12.73 -27.72
N SER C 133 18.86 -13.18 -26.48
CA SER C 133 19.44 -14.41 -25.95
C SER C 133 19.33 -14.45 -24.43
N LYS C 136 18.61 -13.79 -20.34
CA LYS C 136 17.74 -13.64 -19.18
C LYS C 136 16.38 -14.31 -19.42
N SER C 137 15.54 -14.28 -18.40
CA SER C 137 14.19 -14.82 -18.50
C SER C 137 13.23 -14.00 -17.64
N VAL C 138 12.03 -13.74 -18.16
CA VAL C 138 11.04 -12.96 -17.43
C VAL C 138 9.75 -13.74 -17.19
N CYS C 139 9.22 -13.64 -15.98
CA CYS C 139 7.96 -14.31 -15.65
C CYS C 139 6.80 -13.33 -15.64
N LEU C 140 5.70 -13.74 -16.25
CA LEU C 140 4.54 -12.87 -16.41
C LEU C 140 3.31 -13.45 -15.73
N PHE C 141 2.84 -12.77 -14.69
CA PHE C 141 1.57 -13.10 -14.04
C PHE C 141 0.51 -12.19 -14.64
N THR C 142 -0.51 -12.78 -15.25
CA THR C 142 -1.46 -11.98 -16.02
C THR C 142 -2.90 -12.48 -15.96
N ASP C 143 -3.83 -11.63 -16.38
CA ASP C 143 -5.24 -11.96 -16.47
C ASP C 143 -5.92 -12.22 -15.13
N PHE C 144 -5.36 -11.64 -14.07
CA PHE C 144 -5.96 -11.74 -12.74
C PHE C 144 -6.84 -10.53 -12.48
N ASP C 145 -7.94 -10.73 -11.76
CA ASP C 145 -8.87 -9.64 -11.48
C ASP C 145 -8.37 -8.70 -10.38
N SER C 146 -9.14 -7.66 -10.10
CA SER C 146 -8.73 -6.62 -9.16
C SER C 146 -8.73 -7.09 -7.72
N GLN C 147 -9.44 -8.20 -7.46
CA GLN C 147 -9.47 -8.77 -6.13
C GLN C 147 -8.07 -9.22 -5.72
N THR C 148 -7.29 -9.63 -6.71
CA THR C 148 -5.93 -10.08 -6.48
C THR C 148 -4.97 -8.91 -6.35
N ASN C 149 -3.95 -9.05 -5.50
CA ASN C 149 -3.00 -7.98 -5.26
C ASN C 149 -1.54 -8.43 -5.33
N VAL C 150 -0.74 -7.65 -6.05
CA VAL C 150 0.70 -7.88 -6.15
C VAL C 150 1.40 -6.56 -5.83
N SER C 151 2.59 -6.65 -5.25
CA SER C 151 3.32 -5.45 -4.85
C SER C 151 4.81 -5.54 -5.11
N GLN C 152 5.56 -4.55 -4.64
CA GLN C 152 7.00 -4.53 -4.76
C GLN C 152 7.65 -5.72 -4.04
N SER C 153 8.71 -6.26 -4.62
CA SER C 153 9.40 -7.42 -4.06
C SER C 153 10.38 -7.01 -2.98
N ASP C 155 12.89 -9.14 -1.99
CA ASP C 155 14.15 -9.82 -2.22
C ASP C 155 15.09 -8.96 -3.08
N SER C 156 16.39 -9.14 -2.91
CA SER C 156 17.39 -8.38 -3.64
C SER C 156 17.67 -8.92 -5.04
N ASP C 157 17.74 -10.24 -5.16
CA ASP C 157 18.10 -10.87 -6.45
C ASP C 157 16.88 -11.27 -7.27
N VAL C 158 15.69 -11.04 -6.72
CA VAL C 158 14.44 -11.33 -7.42
C VAL C 158 13.49 -10.14 -7.34
N TYR C 159 13.14 -9.57 -8.50
CA TYR C 159 12.32 -8.38 -8.54
C TYR C 159 10.90 -8.66 -9.03
N ILE C 160 9.93 -7.96 -8.47
CA ILE C 160 8.53 -8.09 -8.87
C ILE C 160 7.87 -6.71 -8.98
N THR C 161 7.27 -6.45 -10.14
CA THR C 161 6.58 -5.19 -10.36
C THR C 161 5.17 -5.17 -9.76
N ASP C 162 4.68 -3.98 -9.45
CA ASP C 162 3.30 -3.80 -9.04
C ASP C 162 2.42 -4.15 -10.24
N LYS C 163 1.16 -4.49 -9.98
CA LYS C 163 0.27 -4.84 -11.08
C LYS C 163 0.00 -3.65 -11.99
N CYS C 164 -0.31 -3.93 -13.25
CA CYS C 164 -0.44 -2.89 -14.25
C CYS C 164 -1.61 -3.17 -15.20
N VAL C 165 -2.41 -2.14 -15.47
CA VAL C 165 -3.58 -2.28 -16.35
C VAL C 165 -3.26 -1.86 -17.78
N LEU C 166 -3.47 -2.76 -18.73
CA LEU C 166 -3.42 -2.39 -20.15
C LEU C 166 -4.81 -2.52 -20.75
N ASP C 167 -5.11 -1.63 -21.69
CA ASP C 167 -6.41 -1.63 -22.34
C ASP C 167 -6.28 -1.79 -23.85
N MET C 168 -6.78 -2.90 -24.37
CA MET C 168 -6.80 -3.11 -25.81
C MET C 168 -8.14 -2.56 -26.30
N ARG C 169 -8.07 -1.45 -27.03
CA ARG C 169 -9.26 -0.65 -27.32
C ARG C 169 -10.04 -1.16 -28.52
N SER C 170 -9.40 -2.00 -29.33
CA SER C 170 -10.05 -2.56 -30.50
C SER C 170 -10.98 -3.71 -30.12
N MET C 171 -10.53 -4.52 -29.17
CA MET C 171 -11.29 -5.68 -28.71
C MET C 171 -12.09 -5.41 -27.44
N ASP C 172 -12.03 -4.17 -26.95
CA ASP C 172 -12.65 -3.82 -25.67
C ASP C 172 -12.23 -4.84 -24.61
N PHE C 173 -10.93 -4.86 -24.31
CA PHE C 173 -10.38 -5.87 -23.42
C PHE C 173 -9.31 -5.26 -22.52
N LYS C 174 -9.39 -5.58 -21.22
CA LYS C 174 -8.43 -5.07 -20.26
C LYS C 174 -7.71 -6.21 -19.56
N SER C 175 -6.44 -6.00 -19.26
CA SER C 175 -5.65 -7.01 -18.59
C SER C 175 -4.85 -6.43 -17.43
N ASN C 176 -4.82 -7.17 -16.33
CA ASN C 176 -3.88 -6.90 -15.27
C ASN C 176 -2.66 -7.77 -15.52
N SER C 177 -1.48 -7.23 -15.22
CA SER C 177 -0.25 -7.97 -15.41
C SER C 177 0.77 -7.56 -14.37
N ALA C 178 1.67 -8.48 -14.04
CA ALA C 178 2.76 -8.18 -13.14
C ALA C 178 3.98 -8.92 -13.63
N VAL C 179 5.12 -8.25 -13.63
CA VAL C 179 6.35 -8.85 -14.12
C VAL C 179 7.31 -9.18 -12.99
N ALA C 180 7.86 -10.39 -13.03
CA ALA C 180 8.86 -10.82 -12.06
C ALA C 180 10.04 -11.45 -12.79
N TRP C 181 11.24 -11.13 -12.33
CA TRP C 181 12.44 -11.70 -12.94
C TRP C 181 13.59 -11.86 -11.96
N SER C 182 14.56 -12.68 -12.34
CA SER C 182 15.76 -12.88 -11.56
C SER C 182 16.93 -13.23 -12.48
N ASN C 183 18.14 -12.88 -12.05
CA ASN C 183 19.33 -13.15 -12.83
C ASN C 183 20.05 -14.42 -12.38
N SER C 185 19.87 -18.48 -11.72
CA SER C 185 19.48 -19.71 -12.38
C SER C 185 18.57 -20.55 -11.49
N ASP C 186 18.63 -20.28 -10.19
CA ASP C 186 17.80 -20.99 -9.22
C ASP C 186 16.35 -20.56 -9.34
N PHE C 187 16.11 -19.56 -10.18
CA PHE C 187 14.79 -18.95 -10.31
C PHE C 187 13.86 -19.74 -11.24
N ALA C 188 12.63 -19.95 -10.78
CA ALA C 188 11.60 -20.63 -11.57
C ALA C 188 10.28 -19.87 -11.51
N CYS C 189 9.44 -20.07 -12.51
CA CYS C 189 8.14 -19.40 -12.58
C CYS C 189 7.13 -20.00 -11.60
N ALA C 190 7.38 -21.23 -11.18
CA ALA C 190 6.52 -21.89 -10.18
C ALA C 190 6.61 -21.14 -8.86
N ASN C 191 7.83 -20.81 -8.47
CA ASN C 191 8.08 -20.05 -7.24
C ASN C 191 8.15 -18.54 -7.51
N ALA C 192 7.85 -18.15 -8.74
CA ALA C 192 7.96 -16.74 -9.16
C ALA C 192 7.25 -15.81 -8.20
N PHE C 193 5.95 -16.03 -7.98
CA PHE C 193 5.29 -15.35 -6.88
C PHE C 193 4.85 -16.38 -5.86
N ASN C 194 5.63 -16.54 -4.80
CA ASN C 194 5.17 -17.26 -3.62
C ASN C 194 4.73 -16.30 -2.52
N ASN C 195 5.04 -15.03 -2.70
CA ASN C 195 4.82 -14.05 -1.65
C ASN C 195 3.53 -13.25 -1.82
N SER C 196 2.82 -13.48 -2.91
CA SER C 196 1.51 -12.88 -3.10
C SER C 196 0.43 -13.93 -2.88
N ILE C 197 -0.82 -13.49 -2.93
CA ILE C 197 -1.94 -14.43 -2.86
C ILE C 197 -2.51 -14.59 -4.26
N ILE C 198 -2.46 -15.82 -4.77
CA ILE C 198 -2.80 -16.09 -6.15
C ILE C 198 -4.02 -16.97 -6.19
N PRO C 199 -4.91 -16.75 -7.17
CA PRO C 199 -6.14 -17.52 -7.28
C PRO C 199 -5.86 -19.03 -7.20
N GLU C 200 -6.66 -19.74 -6.42
CA GLU C 200 -6.48 -21.17 -6.26
C GLU C 200 -6.36 -21.81 -7.63
N ASP C 201 -7.08 -21.25 -8.61
CA ASP C 201 -6.95 -21.70 -9.99
C ASP C 201 -6.07 -20.71 -10.75
N THR C 202 -4.86 -21.16 -11.08
CA THR C 202 -3.96 -20.36 -11.90
C THR C 202 -3.23 -21.31 -12.84
N PHE C 203 -3.00 -20.87 -14.06
CA PHE C 203 -2.48 -21.73 -15.09
C PHE C 203 -0.96 -21.68 -15.11
N PHE C 204 -0.33 -22.78 -14.72
CA PHE C 204 1.12 -22.92 -14.81
C PHE C 204 1.44 -23.99 -15.82
N PRO C 205 1.88 -23.59 -17.02
CA PRO C 205 2.21 -24.55 -18.07
C PRO C 205 3.71 -24.88 -18.08
N ASP D 5 -0.17 27.79 -25.37
CA ASP D 5 -0.06 26.90 -24.21
C ASP D 5 1.00 27.42 -23.25
N ILE D 6 1.50 26.55 -22.39
CA ILE D 6 2.55 26.91 -21.44
C ILE D 6 3.67 25.87 -21.47
N TYR D 7 4.90 26.33 -21.64
CA TYR D 7 6.01 25.42 -21.90
C TYR D 7 7.13 25.51 -20.87
N GLN D 8 7.83 24.39 -20.68
CA GLN D 8 8.92 24.29 -19.73
C GLN D 8 10.06 23.40 -20.25
N THR D 9 11.30 23.85 -20.05
CA THR D 9 12.47 23.03 -20.37
C THR D 9 13.60 23.29 -19.39
N PRO D 10 14.40 22.25 -19.08
CA PRO D 10 14.20 20.85 -19.48
C PRO D 10 13.19 20.11 -18.61
N ARG D 11 12.64 19.00 -19.12
CA ARG D 11 11.74 18.16 -18.32
C ARG D 11 12.50 17.50 -17.17
N TYR D 12 13.65 16.94 -17.49
CA TYR D 12 14.51 16.31 -16.49
C TYR D 12 15.89 16.95 -16.54
N LEU D 13 16.45 17.23 -15.38
CA LEU D 13 17.81 17.76 -15.30
C LEU D 13 18.56 17.13 -14.14
N VAL D 14 19.73 16.57 -14.43
CA VAL D 14 20.61 16.07 -13.38
C VAL D 14 21.92 16.84 -13.48
N ILE D 15 22.38 17.37 -12.36
CA ILE D 15 23.55 18.23 -12.39
C ILE D 15 24.35 18.18 -11.09
N GLY D 16 25.63 18.51 -11.17
CA GLY D 16 26.51 18.47 -10.01
C GLY D 16 26.46 19.73 -9.17
N THR D 17 26.96 19.63 -7.95
CA THR D 17 26.94 20.74 -7.01
C THR D 17 27.82 21.91 -7.46
N GLY D 18 27.34 23.11 -7.26
CA GLY D 18 28.11 24.31 -7.55
C GLY D 18 27.80 24.93 -8.90
N LYS D 19 27.20 24.13 -9.79
CA LYS D 19 26.87 24.60 -11.13
C LYS D 19 25.62 25.49 -11.13
N LYS D 20 25.51 26.33 -12.15
CA LYS D 20 24.38 27.23 -12.27
C LYS D 20 23.28 26.61 -13.12
N ILE D 21 22.03 26.75 -12.65
CA ILE D 21 20.89 26.21 -13.36
C ILE D 21 19.95 27.31 -13.82
N THR D 22 19.36 27.13 -15.00
CA THR D 22 18.31 28.01 -15.48
C THR D 22 17.16 27.16 -15.99
N LEU D 23 15.95 27.46 -15.51
CA LEU D 23 14.77 26.72 -15.94
C LEU D 23 13.86 27.63 -16.78
N GLU D 24 13.36 27.10 -17.89
CA GLU D 24 12.60 27.88 -18.85
C GLU D 24 11.10 27.74 -18.66
N CYS D 25 10.40 28.87 -18.63
CA CYS D 25 8.94 28.88 -18.65
C CYS D 25 8.44 29.92 -19.64
N SER D 26 7.62 29.48 -20.59
CA SER D 26 7.13 30.36 -21.64
C SER D 26 5.65 30.12 -21.95
N GLN D 27 4.93 31.20 -22.25
CA GLN D 27 3.51 31.11 -22.58
C GLN D 27 3.17 32.04 -23.73
N THR D 28 2.35 31.56 -24.66
CA THR D 28 1.89 32.38 -25.79
C THR D 28 0.51 32.96 -25.49
N MET D 29 -0.02 32.64 -24.31
CA MET D 29 -1.38 33.03 -23.95
C MET D 29 -1.50 34.50 -23.54
N GLY D 30 -0.36 35.17 -23.41
CA GLY D 30 -0.33 36.57 -23.06
C GLY D 30 -0.90 36.85 -21.68
N HIS D 31 -0.60 35.96 -20.73
CA HIS D 31 -1.02 36.16 -19.35
C HIS D 31 -0.02 37.04 -18.62
N ASP D 32 -0.53 37.98 -17.82
CA ASP D 32 0.32 38.90 -17.10
C ASP D 32 0.92 38.27 -15.85
N LYS D 33 0.11 37.51 -15.12
CA LYS D 33 0.56 36.87 -13.89
C LYS D 33 1.17 35.48 -14.12
N MET D 34 2.34 35.27 -13.53
CA MET D 34 3.02 33.98 -13.64
C MET D 34 3.59 33.52 -12.30
N TYR D 35 3.62 32.21 -12.09
CA TYR D 35 4.01 31.63 -10.81
C TYR D 35 5.05 30.53 -10.97
N TRP D 36 5.90 30.39 -9.96
CA TRP D 36 6.81 29.26 -9.86
C TRP D 36 6.50 28.46 -8.59
N TYR D 37 6.41 27.15 -8.73
CA TYR D 37 6.14 26.29 -7.58
C TYR D 37 7.21 25.21 -7.40
N GLN D 38 7.58 24.95 -6.15
CA GLN D 38 8.45 23.84 -5.81
C GLN D 38 7.63 22.74 -5.16
N GLN D 39 7.67 21.53 -5.73
CA GLN D 39 6.89 20.42 -5.20
C GLN D 39 7.74 19.19 -4.95
N ASP D 40 7.88 18.82 -3.68
CA ASP D 40 8.55 17.58 -3.32
C ASP D 40 7.56 16.43 -3.45
N PRO D 41 8.08 15.19 -3.51
CA PRO D 41 7.21 14.01 -3.60
C PRO D 41 6.27 13.90 -2.40
N GLY D 42 4.99 13.67 -2.66
CA GLY D 42 4.00 13.59 -1.60
C GLY D 42 3.91 14.90 -0.82
N MET D 43 4.40 15.96 -1.44
CA MET D 43 4.42 17.29 -0.83
C MET D 43 3.35 18.15 -1.50
N GLU D 44 2.82 19.12 -0.76
CA GLU D 44 1.94 20.12 -1.35
C GLU D 44 2.73 21.06 -2.26
N LEU D 45 2.03 21.74 -3.17
CA LEU D 45 2.66 22.74 -4.02
C LEU D 45 3.05 23.97 -3.22
N HIS D 46 4.28 24.44 -3.41
CA HIS D 46 4.77 25.61 -2.69
C HIS D 46 5.08 26.77 -3.62
N LEU D 47 4.44 27.91 -3.39
CA LEU D 47 4.73 29.10 -4.17
C LEU D 47 6.14 29.57 -3.82
N ILE D 48 6.98 29.69 -4.84
CA ILE D 48 8.36 30.10 -4.65
C ILE D 48 8.58 31.52 -5.19
N HIS D 49 8.30 31.72 -6.47
CA HIS D 49 8.30 33.07 -7.05
C HIS D 49 7.00 33.35 -7.77
N TYR D 50 6.65 34.64 -7.90
CA TYR D 50 5.50 35.06 -8.69
C TYR D 50 5.73 36.45 -9.27
N SER D 51 5.04 36.76 -10.37
CA SER D 51 5.17 38.08 -10.99
C SER D 51 3.82 38.62 -11.47
N TYR D 52 3.51 39.86 -11.09
CA TYR D 52 2.27 40.52 -11.48
C TYR D 52 2.26 40.88 -12.96
N GLY D 53 3.45 41.09 -13.52
CA GLY D 53 3.55 41.66 -14.84
C GLY D 53 4.97 41.75 -15.34
N VAL D 54 5.19 42.63 -16.32
CA VAL D 54 6.52 42.87 -16.83
C VAL D 54 7.28 43.66 -15.78
N ASN D 55 8.56 43.34 -15.59
CA ASN D 55 9.37 44.04 -14.61
C ASN D 55 8.78 43.93 -13.20
N SER D 56 8.18 42.78 -12.91
CA SER D 56 7.60 42.52 -11.59
C SER D 56 8.37 41.35 -10.98
N THR D 57 8.83 41.52 -9.74
CA THR D 57 9.63 40.48 -9.12
C THR D 57 9.22 40.30 -7.67
N GLU D 58 8.91 39.06 -7.28
CA GLU D 58 8.44 38.79 -5.92
C GLU D 58 8.95 37.47 -5.36
N LYS D 59 9.07 37.39 -4.03
CA LYS D 59 9.46 36.16 -3.37
C LYS D 59 8.25 35.53 -2.69
N GLY D 60 8.02 34.25 -2.96
CA GLY D 60 6.86 33.55 -2.43
C GLY D 60 7.01 33.15 -0.97
N LEU D 62 8.19 30.72 0.45
CA LEU D 62 9.32 29.96 0.94
C LEU D 62 10.63 30.75 0.74
N SER D 63 11.65 30.39 1.51
CA SER D 63 12.97 30.97 1.37
C SER D 63 13.78 30.16 0.36
N SER D 64 14.27 30.83 -0.68
CA SER D 64 14.99 30.16 -1.76
C SER D 64 16.27 30.89 -2.15
N GLU D 65 17.26 30.14 -2.59
CA GLU D 65 18.51 30.73 -3.08
C GLU D 65 18.29 31.14 -4.54
N SER D 66 17.14 30.73 -5.10
CA SER D 66 16.76 31.01 -6.49
C SER D 66 16.33 32.45 -6.79
N THR D 67 16.37 32.82 -8.08
CA THR D 67 16.01 34.16 -8.52
C THR D 67 15.26 34.04 -9.83
N VAL D 68 14.37 35.00 -10.10
CA VAL D 68 13.64 35.01 -11.35
C VAL D 68 13.74 36.36 -12.04
N SER D 69 13.37 36.41 -13.31
CA SER D 69 13.36 37.65 -14.06
C SER D 69 12.14 37.72 -14.96
N ARG D 70 11.46 38.87 -14.94
CA ARG D 70 10.37 39.11 -15.87
C ARG D 70 10.68 40.34 -16.70
N ILE D 71 10.91 40.12 -17.99
CA ILE D 71 11.23 41.21 -18.91
C ILE D 71 10.29 41.18 -20.11
N ARG D 72 10.33 40.10 -20.86
CA ARG D 72 9.31 39.86 -21.87
C ARG D 72 8.16 39.08 -21.22
N THR D 73 6.93 39.40 -21.61
CA THR D 73 5.76 38.78 -21.00
C THR D 73 5.80 37.26 -21.05
N GLU D 74 6.16 36.72 -22.21
CA GLU D 74 6.13 35.28 -22.42
C GLU D 74 7.13 34.51 -21.56
N HIS D 75 8.11 35.21 -20.99
CA HIS D 75 9.22 34.52 -20.36
C HIS D 75 9.40 34.79 -18.87
N PHE D 76 9.55 33.70 -18.11
CA PHE D 76 9.72 33.78 -16.67
C PHE D 76 10.79 32.78 -16.23
N PRO D 77 12.04 33.02 -16.59
CA PRO D 77 13.15 32.10 -16.30
C PRO D 77 13.48 32.04 -14.81
N LEU D 78 13.75 30.84 -14.31
CA LEU D 78 14.15 30.68 -12.91
C LEU D 78 15.60 30.20 -12.85
N THR D 79 16.33 30.65 -11.85
CA THR D 79 17.77 30.45 -11.84
C THR D 79 18.37 30.15 -10.46
N LEU D 80 19.25 29.16 -10.42
CA LEU D 80 20.05 28.90 -9.23
C LEU D 80 21.50 29.21 -9.55
N GLU D 81 22.09 30.16 -8.83
CA GLU D 81 23.48 30.54 -9.09
C GLU D 81 24.44 29.37 -8.87
N SER D 82 24.37 28.76 -7.69
CA SER D 82 25.13 27.54 -7.42
C SER D 82 24.23 26.51 -6.77
N ALA D 83 24.00 25.40 -7.47
CA ALA D 83 23.02 24.42 -7.04
C ALA D 83 23.56 23.47 -5.98
N ARG D 84 22.74 23.19 -4.97
CA ARG D 84 23.09 22.20 -3.97
C ARG D 84 22.02 21.12 -3.88
N PRO D 85 22.36 19.95 -3.31
CA PRO D 85 21.42 18.83 -3.23
C PRO D 85 20.12 19.27 -2.59
N SER D 86 20.16 20.38 -1.86
CA SER D 86 19.01 20.89 -1.15
C SER D 86 17.83 21.27 -2.05
N HIS D 87 18.07 21.61 -3.31
CA HIS D 87 16.93 21.78 -4.20
C HIS D 87 16.89 20.65 -5.20
N THR D 88 16.11 19.62 -4.87
CA THR D 88 15.84 18.51 -5.79
C THR D 88 14.40 18.42 -6.33
N SER D 89 13.52 19.28 -5.82
CA SER D 89 12.09 19.13 -6.08
C SER D 89 11.73 19.30 -7.54
N GLN D 90 10.54 18.84 -7.92
CA GLN D 90 10.00 19.14 -9.22
C GLN D 90 9.65 20.63 -9.25
N TYR D 91 9.93 21.29 -10.37
CA TYR D 91 9.64 22.72 -10.48
C TYR D 91 8.57 22.98 -11.52
N LEU D 92 7.42 23.48 -11.04
CA LEU D 92 6.26 23.71 -11.88
C LEU D 92 6.04 25.18 -12.15
N CYS D 93 5.78 25.52 -13.40
CA CYS D 93 5.52 26.91 -13.76
C CYS D 93 4.05 27.06 -14.13
N ALA D 94 3.44 28.14 -13.68
CA ALA D 94 2.03 28.39 -13.97
C ALA D 94 1.78 29.86 -14.29
N SER D 95 0.70 30.13 -15.01
CA SER D 95 0.23 31.50 -15.17
C SER D 95 -1.26 31.54 -14.87
N SER D 96 -1.83 32.75 -14.87
CA SER D 96 -3.24 32.92 -14.54
C SER D 96 -3.97 33.66 -15.63
N GLU D 97 -5.06 33.09 -16.11
CA GLU D 97 -5.86 33.68 -17.17
C GLU D 97 -6.27 35.09 -16.81
N GLU D 98 -7.15 35.20 -15.82
CA GLU D 98 -7.60 36.49 -15.31
C GLU D 98 -8.69 36.30 -14.27
N GLY D 99 -9.12 37.40 -13.65
CA GLY D 99 -10.21 37.36 -12.71
C GLY D 99 -10.95 38.67 -12.70
N ALA D 100 -12.21 38.65 -12.25
CA ALA D 100 -13.01 39.87 -12.16
C ALA D 100 -12.24 40.90 -11.33
N LEU D 101 -11.67 40.41 -10.23
CA LEU D 101 -10.82 41.23 -9.39
C LEU D 101 -9.40 40.71 -9.50
N LYS D 102 -8.43 41.58 -9.21
CA LYS D 102 -7.02 41.25 -9.39
C LYS D 102 -6.61 40.08 -8.50
N GLU D 103 -7.55 39.56 -7.71
CA GLU D 103 -7.24 38.51 -6.73
C GLU D 103 -6.65 37.25 -7.38
N GLY D 106 -7.05 34.23 -11.15
CA GLY D 106 -7.83 33.57 -12.17
C GLY D 106 -7.35 32.15 -12.41
N THR D 107 -7.95 31.47 -13.37
CA THR D 107 -7.59 30.08 -13.67
C THR D 107 -6.10 29.97 -13.96
N GLN D 108 -5.43 29.09 -13.21
CA GLN D 108 -4.02 28.82 -13.42
C GLN D 108 -3.82 27.77 -14.50
N TYR D 109 -2.77 27.94 -15.30
CA TYR D 109 -2.39 26.90 -16.26
C TYR D 109 -0.94 26.49 -16.03
N PHE D 110 -0.76 25.24 -15.63
CA PHE D 110 0.55 24.69 -15.33
C PHE D 110 1.26 24.08 -16.54
N GLY D 111 2.59 24.18 -16.56
CA GLY D 111 3.40 23.48 -17.53
C GLY D 111 3.78 22.11 -17.01
N PRO D 112 4.47 21.32 -17.84
CA PRO D 112 4.96 19.98 -17.48
C PRO D 112 6.28 20.12 -16.75
N GLY D 113 6.21 20.35 -15.45
CA GLY D 113 7.35 20.85 -14.70
C GLY D 113 8.62 20.04 -14.85
N THR D 114 9.73 20.69 -14.55
CA THR D 114 11.04 20.04 -14.65
C THR D 114 11.34 19.24 -13.39
N ARG D 115 11.88 18.05 -13.56
CA ARG D 115 12.31 17.24 -12.44
C ARG D 115 13.81 17.39 -12.29
N LEU D 116 14.24 18.11 -11.27
CA LEU D 116 15.65 18.44 -11.09
C LEU D 116 16.30 17.58 -10.04
N LEU D 117 17.42 16.95 -10.40
CA LEU D 117 18.20 16.20 -9.43
C LEU D 117 19.58 16.85 -9.28
N VAL D 118 19.97 17.12 -8.05
CA VAL D 118 21.30 17.67 -7.79
C VAL D 118 22.14 16.73 -6.92
N LEU D 119 23.32 16.38 -7.42
CA LEU D 119 24.20 15.42 -6.76
C LEU D 119 25.54 16.04 -6.40
N GLU D 120 26.17 15.50 -5.36
CA GLU D 120 27.53 15.90 -5.02
C GLU D 120 28.48 15.35 -6.07
N ASP D 121 28.29 14.09 -6.44
CA ASP D 121 29.11 13.44 -7.45
C ASP D 121 28.25 12.71 -8.47
N LEU D 122 28.63 12.82 -9.75
CA LEU D 122 27.85 12.24 -10.84
C LEU D 122 28.29 10.82 -11.18
N LYS D 123 29.20 10.27 -10.37
CA LYS D 123 29.74 8.93 -10.62
C LYS D 123 28.68 7.83 -10.68
N ASN D 124 27.51 8.11 -10.11
CA ASN D 124 26.47 7.08 -10.00
C ASN D 124 25.42 7.09 -11.10
N VAL D 125 25.58 7.95 -12.09
CA VAL D 125 24.63 8.07 -13.18
C VAL D 125 24.85 6.98 -14.23
N PHE D 126 23.84 6.16 -14.46
CA PHE D 126 23.96 5.05 -15.42
C PHE D 126 22.81 5.08 -16.41
N PRO D 127 23.11 4.79 -17.69
CA PRO D 127 22.05 4.61 -18.68
C PRO D 127 21.43 3.23 -18.52
N PRO D 128 20.19 3.05 -18.97
CA PRO D 128 19.56 1.74 -18.83
C PRO D 128 20.08 0.72 -19.83
N GLU D 129 19.95 -0.55 -19.49
CA GLU D 129 20.01 -1.62 -20.48
C GLU D 129 18.57 -1.99 -20.78
N VAL D 130 18.29 -2.32 -22.04
CA VAL D 130 16.91 -2.58 -22.44
C VAL D 130 16.81 -3.95 -23.10
N ALA D 131 15.74 -4.66 -22.79
CA ALA D 131 15.56 -6.01 -23.33
C ALA D 131 14.09 -6.29 -23.60
N VAL D 132 13.82 -7.02 -24.68
CA VAL D 132 12.47 -7.44 -25.00
C VAL D 132 12.34 -8.96 -24.89
N PHE D 133 11.24 -9.42 -24.30
CA PHE D 133 10.98 -10.85 -24.15
C PHE D 133 9.74 -11.21 -24.94
N GLU D 134 9.86 -12.25 -25.77
CA GLU D 134 8.80 -12.61 -26.70
C GLU D 134 7.66 -13.37 -26.04
N PRO D 135 6.45 -13.24 -26.61
CA PRO D 135 5.24 -13.93 -26.13
C PRO D 135 5.45 -15.43 -25.99
N SER D 136 4.96 -16.01 -24.90
CA SER D 136 5.10 -17.44 -24.68
C SER D 136 4.08 -18.20 -25.51
N GLU D 137 4.43 -19.42 -25.90
CA GLU D 137 3.52 -20.25 -26.69
C GLU D 137 2.32 -20.64 -25.85
N ALA D 138 2.53 -20.80 -24.55
CA ALA D 138 1.45 -21.13 -23.63
C ALA D 138 0.34 -20.08 -23.70
N GLU D 139 0.70 -18.83 -23.50
CA GLU D 139 -0.27 -17.74 -23.52
C GLU D 139 -1.04 -17.67 -24.84
N ILE D 140 -0.34 -17.96 -25.93
CA ILE D 140 -0.93 -17.88 -27.25
C ILE D 140 -2.08 -18.85 -27.43
N SER D 141 -1.82 -20.14 -27.24
CA SER D 141 -2.84 -21.16 -27.45
C SER D 141 -3.99 -21.01 -26.46
N HIS D 142 -3.67 -20.57 -25.24
CA HIS D 142 -4.68 -20.37 -24.22
C HIS D 142 -5.59 -19.14 -24.47
N THR D 143 -4.98 -17.97 -24.61
CA THR D 143 -5.75 -16.73 -24.76
C THR D 143 -5.90 -16.18 -26.19
N GLN D 144 -5.27 -16.83 -27.16
CA GLN D 144 -5.17 -16.26 -28.51
C GLN D 144 -4.68 -14.80 -28.46
N LYS D 145 -3.77 -14.53 -27.53
CA LYS D 145 -3.18 -13.20 -27.40
C LYS D 145 -1.66 -13.30 -27.24
N ALA D 146 -0.97 -12.19 -27.47
CA ALA D 146 0.49 -12.16 -27.38
C ALA D 146 0.97 -10.95 -26.60
N THR D 147 1.71 -11.20 -25.52
CA THR D 147 2.20 -10.13 -24.67
C THR D 147 3.72 -10.04 -24.72
N LEU D 148 4.22 -8.96 -25.30
CA LEU D 148 5.64 -8.69 -25.23
C LEU D 148 5.94 -7.98 -23.92
N VAL D 149 7.11 -8.23 -23.36
CA VAL D 149 7.53 -7.56 -22.14
C VAL D 149 8.84 -6.84 -22.41
N CYS D 150 8.93 -5.60 -21.96
CA CYS D 150 10.17 -4.85 -22.05
C CYS D 150 10.75 -4.61 -20.67
N LEU D 151 12.06 -4.85 -20.54
CA LEU D 151 12.77 -4.57 -19.31
C LEU D 151 13.87 -3.53 -19.55
N ALA D 152 13.86 -2.48 -18.73
CA ALA D 152 14.93 -1.48 -18.76
C ALA D 152 15.54 -1.43 -17.36
N THR D 153 16.82 -1.73 -17.27
CA THR D 153 17.45 -1.95 -15.97
C THR D 153 18.74 -1.15 -15.76
N GLY D 154 19.16 -1.08 -14.49
CA GLY D 154 20.44 -0.52 -14.13
C GLY D 154 20.61 0.97 -14.37
N PHE D 155 19.50 1.68 -14.53
CA PHE D 155 19.58 3.10 -14.81
C PHE D 155 19.37 3.98 -13.59
N TYR D 156 20.22 4.98 -13.46
CA TYR D 156 20.06 6.02 -12.45
C TYR D 156 20.51 7.32 -13.10
N PRO D 157 19.81 8.43 -12.82
CA PRO D 157 18.61 8.66 -12.00
C PRO D 157 17.33 8.13 -12.64
N ASP D 158 16.21 8.57 -12.09
CA ASP D 158 14.88 8.06 -12.44
C ASP D 158 14.31 8.72 -13.71
N HIS D 159 15.10 9.53 -14.40
CA HIS D 159 14.57 10.30 -15.52
C HIS D 159 14.65 9.45 -16.79
N VAL D 160 13.49 8.98 -17.23
CA VAL D 160 13.40 7.98 -18.29
C VAL D 160 12.05 8.05 -18.99
N GLU D 161 12.04 7.75 -20.29
CA GLU D 161 10.78 7.68 -21.03
C GLU D 161 10.77 6.44 -21.91
N LEU D 162 9.88 5.51 -21.60
CA LEU D 162 9.79 4.25 -22.34
C LEU D 162 8.62 4.30 -23.32
N SER D 163 8.86 3.81 -24.53
CA SER D 163 7.84 3.85 -25.56
C SER D 163 7.90 2.63 -26.46
N TRP D 164 6.74 2.23 -26.98
CA TRP D 164 6.66 1.10 -27.89
C TRP D 164 6.49 1.57 -29.33
N TRP D 165 7.12 0.84 -30.25
CA TRP D 165 7.05 1.17 -31.66
C TRP D 165 6.79 -0.10 -32.47
N VAL D 166 5.74 -0.07 -33.26
CA VAL D 166 5.36 -1.20 -34.10
C VAL D 166 5.40 -0.80 -35.56
N ASN D 167 6.25 -1.48 -36.33
CA ASN D 167 6.41 -1.17 -37.74
C ASN D 167 6.84 0.29 -37.97
N GLY D 168 7.59 0.84 -37.01
CA GLY D 168 8.11 2.18 -37.12
C GLY D 168 7.22 3.23 -36.49
N LYS D 169 5.95 2.89 -36.31
CA LYS D 169 4.96 3.81 -35.74
C LYS D 169 4.76 3.51 -34.25
N GLU D 170 4.67 4.56 -33.44
CA GLU D 170 4.48 4.39 -32.00
C GLU D 170 3.06 3.94 -31.68
N VAL D 171 2.92 3.06 -30.70
CA VAL D 171 1.59 2.61 -30.28
C VAL D 171 1.32 2.88 -28.81
N HIS D 172 0.03 2.94 -28.48
CA HIS D 172 -0.43 3.26 -27.14
C HIS D 172 -1.37 2.15 -26.66
N SER D 173 -2.44 1.93 -27.41
CA SER D 173 -3.37 0.86 -27.11
C SER D 173 -2.61 -0.44 -26.89
N GLY D 174 -3.01 -1.19 -25.87
CA GLY D 174 -2.39 -2.47 -25.57
C GLY D 174 -1.09 -2.35 -24.77
N VAL D 175 -0.84 -1.15 -24.26
CA VAL D 175 0.41 -0.87 -23.54
C VAL D 175 0.15 -0.57 -22.07
N CYS D 176 0.99 -1.14 -21.22
CA CYS D 176 0.99 -0.79 -19.81
C CYS D 176 2.42 -0.67 -19.30
N THR D 177 2.76 0.50 -18.76
CA THR D 177 4.10 0.72 -18.21
C THR D 177 4.03 0.98 -16.72
N ASP D 178 4.98 0.42 -15.97
CA ASP D 178 5.02 0.63 -14.53
C ASP D 178 4.99 2.12 -14.22
N PRO D 179 4.02 2.53 -13.38
CA PRO D 179 3.96 3.92 -12.93
C PRO D 179 5.21 4.30 -12.13
N GLN D 180 5.76 3.33 -11.39
CA GLN D 180 6.95 3.58 -10.58
C GLN D 180 8.05 2.56 -10.87
N PRO D 181 9.31 3.03 -10.88
CA PRO D 181 10.50 2.19 -11.04
C PRO D 181 10.85 1.46 -9.74
N LEU D 182 11.53 0.32 -9.86
CA LEU D 182 11.99 -0.43 -8.70
C LEU D 182 13.45 -0.12 -8.40
N LYS D 183 13.80 -0.08 -7.12
CA LYS D 183 15.18 -0.01 -6.71
C LYS D 183 15.77 -1.42 -6.71
N GLU D 184 16.86 -1.61 -7.43
CA GLU D 184 17.52 -2.91 -7.49
C GLU D 184 18.29 -3.19 -6.20
N GLN D 185 18.58 -2.13 -5.45
CA GLN D 185 19.25 -2.24 -4.16
C GLN D 185 18.66 -1.24 -3.18
N PRO D 186 17.45 -1.52 -2.68
CA PRO D 186 16.68 -0.57 -1.87
C PRO D 186 17.50 0.06 -0.74
N ALA D 187 18.32 -0.74 -0.07
CA ALA D 187 19.11 -0.25 1.06
C ALA D 187 20.09 0.84 0.65
N LEU D 188 20.39 0.89 -0.65
CA LEU D 188 21.35 1.87 -1.17
C LEU D 188 20.67 3.18 -1.53
N ASN D 189 21.37 4.29 -1.29
CA ASN D 189 20.84 5.62 -1.56
C ASN D 189 20.92 5.98 -3.03
N ASP D 190 21.99 5.52 -3.68
CA ASP D 190 22.26 5.84 -5.07
C ASP D 190 21.69 4.77 -6.00
N SER D 191 20.90 3.87 -5.43
CA SER D 191 20.49 2.65 -6.12
C SER D 191 19.94 2.91 -7.52
N ARG D 192 20.39 2.06 -8.45
CA ARG D 192 19.90 2.07 -9.82
C ARG D 192 18.49 1.50 -9.90
N TYR D 193 17.81 1.80 -11.01
CA TYR D 193 16.42 1.43 -11.16
C TYR D 193 16.17 0.41 -12.26
N ALA D 194 15.07 -0.32 -12.11
CA ALA D 194 14.53 -1.16 -13.17
C ALA D 194 13.12 -0.68 -13.48
N LEU D 195 12.65 -0.97 -14.69
CA LEU D 195 11.30 -0.58 -15.07
C LEU D 195 10.74 -1.60 -16.04
N SER D 196 9.47 -1.92 -15.88
CA SER D 196 8.85 -2.92 -16.74
C SER D 196 7.76 -2.29 -17.59
N SER D 197 7.50 -2.89 -18.75
CA SER D 197 6.42 -2.44 -19.61
C SER D 197 5.87 -3.59 -20.42
N ARG D 198 4.62 -3.44 -20.85
CA ARG D 198 3.93 -4.51 -21.56
C ARG D 198 3.19 -4.01 -22.78
N LEU D 199 3.22 -4.83 -23.82
CA LEU D 199 2.46 -4.57 -25.03
C LEU D 199 1.74 -5.86 -25.39
N ARG D 200 0.42 -5.79 -25.46
CA ARG D 200 -0.36 -6.97 -25.77
C ARG D 200 -1.02 -6.86 -27.14
N VAL D 201 -0.72 -7.81 -28.02
CA VAL D 201 -1.28 -7.82 -29.36
C VAL D 201 -2.06 -9.10 -29.56
N SER D 202 -2.71 -9.22 -30.72
CA SER D 202 -3.46 -10.43 -31.02
C SER D 202 -2.48 -11.53 -31.41
N ALA D 203 -2.90 -12.77 -31.27
CA ALA D 203 -2.05 -13.89 -31.61
C ALA D 203 -1.59 -13.76 -33.05
N THR D 204 -2.56 -13.67 -33.97
CA THR D 204 -2.26 -13.67 -35.39
C THR D 204 -1.40 -12.48 -35.81
N PHE D 205 -1.49 -11.40 -35.04
CA PHE D 205 -0.67 -10.23 -35.32
C PHE D 205 0.80 -10.51 -34.99
N TRP D 206 1.03 -11.08 -33.81
CA TRP D 206 2.38 -11.44 -33.42
C TRP D 206 2.94 -12.54 -34.32
N GLN D 207 2.06 -13.40 -34.82
CA GLN D 207 2.50 -14.54 -35.62
C GLN D 207 2.90 -14.15 -37.04
N ASN D 208 2.67 -12.90 -37.40
CA ASN D 208 3.17 -12.37 -38.66
C ASN D 208 4.64 -11.96 -38.51
N PRO D 209 5.54 -12.67 -39.21
CA PRO D 209 7.00 -12.47 -39.14
C PRO D 209 7.49 -11.16 -39.77
N ARG D 210 6.66 -10.51 -40.57
CA ARG D 210 7.03 -9.23 -41.16
C ARG D 210 6.77 -8.06 -40.21
N ASN D 211 5.96 -8.29 -39.18
CA ASN D 211 5.70 -7.26 -38.17
C ASN D 211 6.93 -7.02 -37.30
N HIS D 212 7.20 -5.75 -37.03
CA HIS D 212 8.39 -5.36 -36.29
C HIS D 212 8.02 -4.70 -34.98
N PHE D 213 8.64 -5.13 -33.89
CA PHE D 213 8.36 -4.59 -32.56
C PHE D 213 9.64 -4.02 -31.95
N ARG D 214 9.56 -2.81 -31.44
CA ARG D 214 10.71 -2.18 -30.81
C ARG D 214 10.33 -1.47 -29.52
N CYS D 215 11.07 -1.77 -28.46
CA CYS D 215 10.92 -1.08 -27.19
C CYS D 215 12.02 -0.05 -27.06
N GLN D 216 11.65 1.19 -26.76
CA GLN D 216 12.61 2.28 -26.68
C GLN D 216 12.60 3.00 -25.35
N VAL D 217 13.78 3.20 -24.78
CA VAL D 217 13.91 4.01 -23.57
C VAL D 217 14.79 5.24 -23.83
N GLN D 218 14.18 6.41 -23.67
CA GLN D 218 14.91 7.66 -23.77
C GLN D 218 15.42 8.03 -22.38
N PHE D 219 16.74 8.06 -22.22
CA PHE D 219 17.36 8.36 -20.94
C PHE D 219 17.81 9.82 -20.91
N TYR D 220 17.67 10.47 -19.76
CA TYR D 220 18.21 11.82 -19.62
C TYR D 220 19.37 11.82 -18.63
N GLY D 221 20.56 11.91 -19.19
CA GLY D 221 21.82 11.87 -18.46
C GLY D 221 22.58 13.18 -18.48
N LEU D 222 23.90 13.05 -18.41
CA LEU D 222 24.85 14.15 -18.63
C LEU D 222 24.88 14.63 -20.08
N SER D 223 25.44 15.82 -20.28
CA SER D 223 25.69 16.37 -21.61
C SER D 223 27.19 16.24 -21.93
N GLU D 224 27.53 16.09 -23.19
CA GLU D 224 28.93 15.85 -23.57
C GLU D 224 29.84 16.99 -23.11
N ASN D 225 29.23 18.10 -22.70
CA ASN D 225 29.97 19.22 -22.15
C ASN D 225 30.41 18.98 -20.71
N ASP D 226 29.79 17.99 -20.06
CA ASP D 226 30.05 17.70 -18.66
C ASP D 226 31.38 16.99 -18.43
N GLU D 227 31.88 17.09 -17.20
CA GLU D 227 33.13 16.45 -16.80
C GLU D 227 32.91 15.01 -16.38
N TRP D 228 33.63 14.07 -17.00
CA TRP D 228 33.51 12.67 -16.63
C TRP D 228 34.87 12.04 -16.36
N THR D 229 35.12 11.72 -15.10
CA THR D 229 36.39 11.13 -14.68
C THR D 229 36.38 9.60 -14.58
N GLN D 230 35.21 8.98 -14.69
CA GLN D 230 35.09 7.53 -14.53
C GLN D 230 35.53 6.77 -15.79
N ASP D 231 36.08 5.59 -15.60
CA ASP D 231 36.63 4.81 -16.71
C ASP D 231 35.56 4.30 -17.68
N ARG D 232 34.36 4.04 -17.16
CA ARG D 232 33.25 3.64 -18.02
C ARG D 232 32.76 4.78 -18.90
N ALA D 233 31.99 4.44 -19.92
CA ALA D 233 31.39 5.42 -20.81
C ALA D 233 30.65 6.52 -20.06
N LYS D 234 30.90 7.77 -20.44
CA LYS D 234 30.16 8.90 -19.91
C LYS D 234 28.67 8.70 -20.16
N PRO D 235 27.85 8.70 -19.09
CA PRO D 235 26.42 8.40 -19.18
C PRO D 235 25.61 9.61 -19.64
N VAL D 236 25.80 10.01 -20.90
CA VAL D 236 25.07 11.13 -21.48
C VAL D 236 23.62 10.78 -21.83
N THR D 237 22.80 11.82 -22.01
CA THR D 237 21.44 11.63 -22.51
C THR D 237 21.48 10.79 -23.78
N GLN D 238 20.56 9.85 -23.93
CA GLN D 238 20.64 8.89 -25.01
C GLN D 238 19.45 7.94 -25.12
N ILE D 239 19.35 7.29 -26.27
CA ILE D 239 18.30 6.33 -26.56
C ILE D 239 18.90 4.94 -26.49
N VAL D 240 18.17 4.02 -25.86
CA VAL D 240 18.56 2.62 -25.83
C VAL D 240 17.35 1.77 -26.21
N SER D 241 17.52 0.91 -27.20
CA SER D 241 16.38 0.17 -27.75
C SER D 241 16.61 -1.34 -27.73
N ALA D 242 15.51 -2.09 -27.75
CA ALA D 242 15.54 -3.54 -27.92
C ALA D 242 14.46 -3.94 -28.90
N GLU D 243 14.75 -4.88 -29.79
CA GLU D 243 13.81 -5.22 -30.86
C GLU D 243 13.48 -6.70 -30.96
N ALA D 244 12.36 -6.98 -31.63
CA ALA D 244 11.92 -8.35 -31.90
C ALA D 244 11.05 -8.38 -33.14
N TRP D 245 10.96 -9.54 -33.78
CA TRP D 245 10.14 -9.71 -34.97
C TRP D 245 9.07 -10.77 -34.71
N GLY D 246 7.91 -10.62 -35.35
CA GLY D 246 6.84 -11.59 -35.19
C GLY D 246 7.33 -12.98 -35.51
N ARG D 247 6.70 -13.98 -34.92
CA ARG D 247 7.17 -15.35 -35.03
C ARG D 247 6.07 -16.36 -35.30
N ALA D 248 6.20 -17.13 -36.38
CA ALA D 248 5.27 -18.19 -36.70
C ALA D 248 5.62 -19.47 -35.94
N ASP D 249 4.63 -20.05 -35.27
CA ASP D 249 4.87 -21.22 -34.43
C ASP D 249 5.64 -22.34 -35.14
#